data_2KY5
#
_entry.id   2KY5
#
_cell.length_a   1.000
_cell.length_b   1.000
_cell.length_c   1.000
_cell.angle_alpha   90.00
_cell.angle_beta   90.00
_cell.angle_gamma   90.00
#
_symmetry.space_group_name_H-M   'P 1'
#
_entity_poly.entity_id   1
_entity_poly.type   'polypeptide(L)'
_entity_poly.pdbx_seq_one_letter_code
;GSSDVQYTEVQVSSAESHKDLGKKDTETVYSEVRKAVPDAVESRYSRTEGSLDGT
;
_entity_poly.pdbx_strand_id   A
#
# COMPACT_ATOMS: atom_id res chain seq x y z
N LEU A 21 -5.75 14.59 13.62
CA LEU A 21 -5.00 15.69 14.25
C LEU A 21 -4.40 16.58 13.18
N GLY A 22 -3.72 15.99 12.22
CA GLY A 22 -3.15 16.76 11.15
C GLY A 22 -2.08 16.00 10.41
N LYS A 23 -1.28 15.26 11.15
CA LYS A 23 -0.17 14.46 10.62
C LYS A 23 0.89 15.34 9.97
N LYS A 24 1.75 15.91 10.79
CA LYS A 24 2.85 16.67 10.25
C LYS A 24 4.12 15.85 10.36
N ASP A 25 4.02 14.76 11.08
CA ASP A 25 5.13 13.87 11.26
C ASP A 25 5.32 13.03 10.02
N THR A 26 6.38 13.34 9.32
CA THR A 26 6.71 12.72 8.08
C THR A 26 6.96 11.20 8.24
N GLU A 27 7.49 10.79 9.39
CA GLU A 27 7.77 9.38 9.65
C GLU A 27 6.49 8.59 9.69
N THR A 28 5.49 9.12 10.37
CA THR A 28 4.18 8.51 10.47
C THR A 28 3.56 8.31 9.08
N VAL A 29 3.84 9.24 8.20
CA VAL A 29 3.37 9.17 6.83
C VAL A 29 4.01 8.01 6.11
N TYR A 30 5.32 7.89 6.23
CA TYR A 30 6.01 6.77 5.63
C TYR A 30 5.64 5.47 6.30
N SER A 31 5.23 5.55 7.55
CA SER A 31 4.76 4.38 8.28
C SER A 31 3.44 3.89 7.66
N GLU A 32 2.53 4.82 7.37
CA GLU A 32 1.29 4.43 6.74
C GLU A 32 1.53 4.00 5.30
N VAL A 33 2.55 4.56 4.67
CA VAL A 33 2.98 4.14 3.34
C VAL A 33 3.54 2.71 3.40
N ARG A 34 4.19 2.38 4.51
CA ARG A 34 4.70 1.03 4.73
C ARG A 34 3.61 -0.04 4.67
N LYS A 35 2.38 0.32 5.00
CA LYS A 35 1.24 -0.58 4.80
C LYS A 35 0.77 -0.62 3.34
N ALA A 36 0.99 0.48 2.64
CA ALA A 36 0.59 0.62 1.25
C ALA A 36 1.55 -0.11 0.29
N VAL A 37 2.82 -0.20 0.68
CA VAL A 37 3.84 -0.87 -0.14
C VAL A 37 3.46 -2.35 -0.45
N PRO A 38 3.23 -3.21 0.59
CA PRO A 38 2.83 -4.59 0.36
C PRO A 38 1.43 -4.66 -0.26
N ASP A 39 0.60 -3.67 0.06
CA ASP A 39 -0.77 -3.58 -0.48
C ASP A 39 -0.73 -3.59 -2.01
N ALA A 40 0.14 -2.77 -2.56
CA ALA A 40 0.31 -2.65 -4.00
C ALA A 40 0.80 -3.94 -4.63
N VAL A 41 1.78 -4.59 -4.00
CA VAL A 41 2.32 -5.81 -4.58
C VAL A 41 1.30 -6.97 -4.50
N GLU A 42 0.61 -7.09 -3.38
CA GLU A 42 -0.37 -8.13 -3.20
C GLU A 42 -1.52 -8.01 -4.21
N SER A 43 -1.88 -6.76 -4.55
CA SER A 43 -2.89 -6.52 -5.56
C SER A 43 -2.38 -6.90 -6.97
N ARG A 44 -1.06 -6.77 -7.17
CA ARG A 44 -0.41 -7.18 -8.42
C ARG A 44 -0.52 -8.67 -8.62
N TYR A 45 -0.38 -9.43 -7.53
CA TYR A 45 -0.59 -10.88 -7.59
C TYR A 45 -2.05 -11.16 -7.82
N SER A 46 -2.89 -10.21 -7.40
CA SER A 46 -4.32 -10.30 -7.48
C SER A 46 -4.81 -11.48 -6.65
N ARG A 47 -4.20 -11.64 -5.48
CA ARG A 47 -4.59 -12.71 -4.56
C ARG A 47 -5.94 -12.37 -3.95
N THR A 48 -6.25 -11.09 -3.96
CA THR A 48 -7.46 -10.57 -3.46
C THR A 48 -8.54 -10.68 -4.53
N GLU A 49 -9.75 -10.98 -4.10
CA GLU A 49 -10.87 -11.16 -5.00
C GLU A 49 -11.31 -9.83 -5.57
N GLY A 50 -11.25 -9.72 -6.89
CA GLY A 50 -11.66 -8.52 -7.57
C GLY A 50 -10.57 -7.46 -7.57
N SER A 51 -10.00 -7.21 -6.38
CA SER A 51 -8.96 -6.20 -6.17
C SER A 51 -9.57 -4.80 -6.43
N LEU A 52 -8.77 -3.79 -6.40
CA LEU A 52 -9.28 -2.47 -6.68
C LEU A 52 -8.52 -1.90 -7.87
N ASP A 53 -7.24 -1.57 -7.63
CA ASP A 53 -6.34 -1.10 -8.67
C ASP A 53 -4.96 -0.84 -8.07
N GLY A 54 -4.10 -1.81 -8.18
CA GLY A 54 -2.78 -1.68 -7.59
C GLY A 54 -1.69 -1.49 -8.61
N THR A 55 -2.07 -1.29 -9.85
CA THR A 55 -1.12 -1.08 -10.89
C THR A 55 -1.03 0.42 -11.18
N LEU A 21 -1.41 19.40 8.19
CA LEU A 21 -0.08 19.99 8.39
C LEU A 21 1.00 19.10 7.79
N GLY A 22 1.47 19.48 6.59
CA GLY A 22 2.55 18.75 5.91
C GLY A 22 2.21 17.30 5.61
N LYS A 23 0.93 17.02 5.47
CA LYS A 23 0.40 15.68 5.26
C LYS A 23 0.70 14.74 6.42
N LYS A 24 -0.23 14.74 7.39
CA LYS A 24 -0.21 13.92 8.62
C LYS A 24 0.99 14.19 9.53
N ASP A 25 2.11 13.67 9.12
CA ASP A 25 3.37 13.62 9.85
C ASP A 25 4.31 12.78 9.02
N THR A 26 5.49 13.28 8.73
CA THR A 26 6.43 12.61 7.84
C THR A 26 6.74 11.15 8.26
N GLU A 27 6.93 10.94 9.55
CA GLU A 27 7.21 9.61 10.08
C GLU A 27 6.00 8.70 9.88
N THR A 28 4.83 9.27 10.06
CA THR A 28 3.59 8.57 9.88
C THR A 28 3.36 8.28 8.39
N VAL A 29 3.82 9.17 7.53
CA VAL A 29 3.70 9.00 6.09
C VAL A 29 4.47 7.80 5.62
N TYR A 30 5.73 7.71 5.97
CA TYR A 30 6.51 6.56 5.59
C TYR A 30 5.98 5.29 6.23
N SER A 31 5.36 5.46 7.38
CA SER A 31 4.74 4.36 8.07
C SER A 31 3.50 3.89 7.29
N GLU A 32 2.67 4.82 6.81
CA GLU A 32 1.51 4.44 6.03
C GLU A 32 1.93 3.89 4.68
N VAL A 33 3.05 4.39 4.16
CA VAL A 33 3.63 3.84 2.93
C VAL A 33 4.06 2.41 3.16
N ARG A 34 4.72 2.16 4.29
CA ARG A 34 5.14 0.83 4.66
C ARG A 34 3.95 -0.13 4.78
N LYS A 35 2.81 0.38 5.23
CA LYS A 35 1.60 -0.43 5.29
C LYS A 35 0.99 -0.58 3.89
N ALA A 36 1.22 0.42 3.05
CA ALA A 36 0.68 0.44 1.69
C ALA A 36 1.44 -0.53 0.77
N VAL A 37 2.75 -0.66 1.01
CA VAL A 37 3.62 -1.53 0.22
C VAL A 37 3.06 -2.97 0.01
N PRO A 38 2.81 -3.78 1.10
CA PRO A 38 2.30 -5.14 0.94
C PRO A 38 0.94 -5.17 0.24
N ASP A 39 0.11 -4.18 0.55
CA ASP A 39 -1.21 -4.11 -0.05
C ASP A 39 -1.11 -3.87 -1.54
N ALA A 40 -0.26 -2.93 -1.92
CA ALA A 40 -0.06 -2.58 -3.32
C ALA A 40 0.57 -3.74 -4.09
N VAL A 41 1.64 -4.31 -3.53
CA VAL A 41 2.36 -5.38 -4.20
C VAL A 41 1.46 -6.60 -4.43
N GLU A 42 0.73 -6.99 -3.41
CA GLU A 42 -0.14 -8.14 -3.49
C GLU A 42 -1.33 -7.89 -4.38
N SER A 43 -1.79 -6.66 -4.45
CA SER A 43 -2.87 -6.32 -5.35
C SER A 43 -2.39 -6.40 -6.80
N ARG A 44 -1.10 -6.15 -6.99
CA ARG A 44 -0.49 -6.15 -8.29
C ARG A 44 -0.54 -7.57 -8.87
N TYR A 45 -0.23 -8.56 -8.03
CA TYR A 45 -0.21 -9.95 -8.51
C TYR A 45 -1.48 -10.71 -8.10
N SER A 46 -2.46 -9.99 -7.58
CA SER A 46 -3.71 -10.58 -7.14
C SER A 46 -4.43 -11.21 -8.33
N ARG A 47 -4.61 -10.42 -9.37
CA ARG A 47 -5.21 -10.89 -10.58
C ARG A 47 -4.84 -9.88 -11.65
N THR A 48 -4.90 -10.28 -12.88
CA THR A 48 -4.69 -9.36 -13.95
C THR A 48 -5.91 -8.47 -14.10
N GLU A 49 -5.68 -7.17 -14.00
CA GLU A 49 -6.71 -6.16 -14.00
C GLU A 49 -7.58 -6.25 -12.73
N GLY A 50 -7.26 -5.46 -11.76
CA GLY A 50 -8.01 -5.45 -10.54
C GLY A 50 -8.34 -4.04 -10.13
N SER A 51 -7.30 -3.29 -9.82
CA SER A 51 -7.42 -1.90 -9.44
C SER A 51 -6.03 -1.32 -9.33
N LEU A 52 -5.91 -0.07 -9.68
CA LEU A 52 -4.67 0.63 -9.56
C LEU A 52 -4.68 1.34 -8.23
N ASP A 53 -3.68 1.08 -7.43
CA ASP A 53 -3.60 1.68 -6.10
C ASP A 53 -3.16 3.12 -6.22
N GLY A 54 -2.54 3.41 -7.32
CA GLY A 54 -2.03 4.71 -7.56
C GLY A 54 -0.70 4.62 -8.26
N THR A 55 0.08 5.63 -8.11
CA THR A 55 1.37 5.69 -8.69
C THR A 55 2.23 6.68 -7.90
N LEU A 21 -3.80 8.12 4.76
CA LEU A 21 -3.47 9.53 5.00
C LEU A 21 -4.53 10.17 5.88
N GLY A 22 -4.09 11.05 6.74
CA GLY A 22 -4.97 11.77 7.64
C GLY A 22 -4.19 12.79 8.41
N LYS A 23 -3.11 12.36 8.99
CA LYS A 23 -2.21 13.24 9.70
C LYS A 23 -1.08 13.61 8.77
N LYS A 24 -0.95 14.88 8.48
CA LYS A 24 0.10 15.30 7.58
C LYS A 24 1.43 15.37 8.32
N ASP A 25 2.06 14.23 8.37
CA ASP A 25 3.30 14.02 9.07
C ASP A 25 4.12 13.03 8.30
N THR A 26 5.29 13.46 7.86
CA THR A 26 6.18 12.67 7.01
C THR A 26 6.50 11.29 7.60
N GLU A 27 6.62 11.22 8.91
CA GLU A 27 6.97 9.99 9.57
C GLU A 27 5.80 9.03 9.52
N THR A 28 4.62 9.56 9.68
CA THR A 28 3.41 8.79 9.65
C THR A 28 3.09 8.34 8.22
N VAL A 29 3.31 9.22 7.28
CA VAL A 29 3.04 8.95 5.88
C VAL A 29 3.90 7.82 5.35
N TYR A 30 5.17 7.91 5.54
CA TYR A 30 6.02 6.88 5.05
C TYR A 30 5.90 5.61 5.84
N SER A 31 5.48 5.70 7.09
CA SER A 31 5.23 4.50 7.87
C SER A 31 3.94 3.81 7.39
N GLU A 32 2.90 4.61 7.05
CA GLU A 32 1.67 4.03 6.51
C GLU A 32 1.92 3.44 5.14
N VAL A 33 2.87 4.02 4.41
CA VAL A 33 3.30 3.44 3.15
C VAL A 33 3.95 2.10 3.39
N ARG A 34 4.74 2.00 4.47
CA ARG A 34 5.34 0.75 4.86
C ARG A 34 4.27 -0.28 5.22
N LYS A 35 3.19 0.18 5.83
CA LYS A 35 2.03 -0.67 6.12
C LYS A 35 1.42 -1.15 4.80
N ALA A 36 1.37 -0.22 3.85
CA ALA A 36 0.77 -0.43 2.54
C ALA A 36 1.73 -1.05 1.52
N VAL A 37 2.92 -1.46 1.98
CA VAL A 37 3.88 -2.12 1.09
C VAL A 37 3.38 -3.50 0.60
N PRO A 38 2.96 -4.42 1.50
CA PRO A 38 2.36 -5.68 1.07
C PRO A 38 1.07 -5.44 0.27
N ASP A 39 0.36 -4.36 0.61
CA ASP A 39 -0.83 -3.96 -0.13
C ASP A 39 -0.48 -3.63 -1.55
N ALA A 40 0.66 -2.99 -1.72
CA ALA A 40 1.16 -2.65 -3.00
C ALA A 40 1.44 -3.91 -3.81
N VAL A 41 2.13 -4.87 -3.25
CA VAL A 41 2.45 -6.06 -4.02
C VAL A 41 1.17 -6.85 -4.40
N GLU A 42 0.25 -7.01 -3.46
CA GLU A 42 -0.98 -7.75 -3.70
C GLU A 42 -1.81 -7.12 -4.82
N SER A 43 -1.81 -5.79 -4.89
CA SER A 43 -2.58 -5.08 -5.90
C SER A 43 -2.05 -5.33 -7.32
N ARG A 44 -0.74 -5.60 -7.44
CA ARG A 44 -0.16 -5.92 -8.77
C ARG A 44 -0.59 -7.31 -9.21
N TYR A 45 -0.92 -8.18 -8.26
CA TYR A 45 -1.40 -9.52 -8.58
C TYR A 45 -2.88 -9.50 -8.87
N SER A 46 -3.52 -8.40 -8.61
CA SER A 46 -4.94 -8.32 -8.74
C SER A 46 -5.37 -7.16 -9.62
N ARG A 47 -6.64 -7.00 -9.77
CA ARG A 47 -7.21 -5.94 -10.54
C ARG A 47 -8.06 -5.10 -9.61
N THR A 48 -7.65 -3.87 -9.40
CA THR A 48 -8.31 -2.99 -8.49
C THR A 48 -9.11 -1.90 -9.23
N GLU A 49 -10.08 -1.31 -8.55
CA GLU A 49 -10.90 -0.26 -9.15
C GLU A 49 -10.09 1.02 -9.29
N GLY A 50 -9.55 1.47 -8.18
CA GLY A 50 -8.77 2.66 -8.20
C GLY A 50 -8.46 3.17 -6.82
N SER A 51 -7.85 2.33 -6.01
CA SER A 51 -7.49 2.67 -4.65
C SER A 51 -6.12 3.35 -4.60
N LEU A 52 -5.70 3.90 -5.75
CA LEU A 52 -4.40 4.56 -5.94
C LEU A 52 -3.27 3.53 -5.88
N ASP A 53 -2.05 4.00 -6.11
CA ASP A 53 -0.84 3.16 -6.08
C ASP A 53 -0.84 2.03 -7.12
N GLY A 54 -0.25 2.32 -8.25
CA GLY A 54 -0.15 1.36 -9.33
C GLY A 54 1.22 1.39 -9.95
N THR A 55 2.19 0.94 -9.21
CA THR A 55 3.56 0.90 -9.66
C THR A 55 4.29 -0.26 -8.93
N LEU A 21 -0.87 5.45 17.63
CA LEU A 21 0.01 6.45 17.02
C LEU A 21 -0.01 7.72 17.84
N GLY A 22 0.96 8.56 17.63
CA GLY A 22 1.05 9.78 18.38
C GLY A 22 0.33 10.92 17.73
N LYS A 23 1.09 11.83 17.18
CA LYS A 23 0.53 13.05 16.58
C LYS A 23 0.32 12.87 15.10
N LYS A 24 0.82 11.76 14.57
CA LYS A 24 0.84 11.50 13.15
C LYS A 24 1.72 12.52 12.46
N ASP A 25 2.99 12.30 12.58
CA ASP A 25 3.99 13.17 12.02
C ASP A 25 4.57 12.44 10.79
N THR A 26 5.77 12.79 10.40
CA THR A 26 6.46 12.21 9.25
C THR A 26 6.53 10.67 9.39
N GLU A 27 6.58 10.21 10.64
CA GLU A 27 6.63 8.80 10.98
C GLU A 27 5.42 8.05 10.40
N THR A 28 4.25 8.66 10.50
CA THR A 28 3.03 8.08 10.05
C THR A 28 2.98 8.07 8.54
N VAL A 29 3.60 9.07 7.94
CA VAL A 29 3.64 9.20 6.49
C VAL A 29 4.41 8.05 5.89
N TYR A 30 5.61 7.79 6.40
CA TYR A 30 6.37 6.68 5.92
C TYR A 30 5.75 5.37 6.35
N SER A 31 5.04 5.39 7.47
CA SER A 31 4.35 4.20 7.94
C SER A 31 3.22 3.83 6.96
N GLU A 32 2.49 4.83 6.48
CA GLU A 32 1.45 4.57 5.50
C GLU A 32 2.02 4.22 4.14
N VAL A 33 3.23 4.69 3.87
CA VAL A 33 3.94 4.27 2.67
C VAL A 33 4.35 2.82 2.82
N ARG A 34 4.78 2.45 4.03
CA ARG A 34 5.09 1.07 4.37
C ARG A 34 3.87 0.18 4.22
N LYS A 35 2.69 0.75 4.35
CA LYS A 35 1.48 0.01 4.08
C LYS A 35 1.32 -0.12 2.57
N ALA A 36 1.44 1.01 1.89
CA ALA A 36 1.26 1.12 0.45
C ALA A 36 2.17 0.18 -0.33
N VAL A 37 3.43 0.10 0.06
CA VAL A 37 4.45 -0.71 -0.62
C VAL A 37 4.03 -2.22 -0.83
N PRO A 38 3.88 -3.04 0.25
CA PRO A 38 3.45 -4.43 0.10
C PRO A 38 1.99 -4.55 -0.30
N ASP A 39 1.15 -3.62 0.15
CA ASP A 39 -0.27 -3.65 -0.19
C ASP A 39 -0.46 -3.55 -1.69
N ALA A 40 0.36 -2.71 -2.31
CA ALA A 40 0.30 -2.52 -3.74
C ALA A 40 0.69 -3.78 -4.47
N VAL A 41 1.81 -4.37 -4.09
CA VAL A 41 2.28 -5.58 -4.76
C VAL A 41 1.31 -6.74 -4.54
N GLU A 42 0.88 -6.93 -3.31
CA GLU A 42 0.00 -8.00 -2.95
C GLU A 42 -1.40 -7.84 -3.56
N SER A 43 -1.73 -6.62 -3.95
CA SER A 43 -2.98 -6.36 -4.61
C SER A 43 -2.94 -6.93 -6.05
N ARG A 44 -1.73 -6.97 -6.64
CA ARG A 44 -1.57 -7.52 -8.00
C ARG A 44 -1.58 -9.03 -7.99
N TYR A 45 -1.31 -9.61 -6.81
CA TYR A 45 -1.43 -11.03 -6.64
C TYR A 45 -2.88 -11.44 -6.87
N SER A 46 -3.13 -11.93 -8.05
CA SER A 46 -4.44 -12.36 -8.47
C SER A 46 -4.94 -13.51 -7.60
N ARG A 47 -4.03 -14.31 -7.12
CA ARG A 47 -4.37 -15.42 -6.27
C ARG A 47 -4.29 -14.96 -4.83
N THR A 48 -5.42 -14.60 -4.28
CA THR A 48 -5.46 -14.10 -2.94
C THR A 48 -5.57 -15.22 -1.91
N GLU A 49 -4.48 -15.45 -1.24
CA GLU A 49 -4.37 -16.46 -0.22
C GLU A 49 -4.21 -15.79 1.15
N GLY A 50 -3.34 -14.78 1.19
CA GLY A 50 -3.10 -14.07 2.42
C GLY A 50 -2.29 -12.82 2.19
N SER A 51 -2.85 -11.69 2.56
CA SER A 51 -2.18 -10.42 2.42
C SER A 51 -2.11 -9.74 3.78
N LEU A 52 -1.34 -8.67 3.88
CA LEU A 52 -1.22 -7.93 5.14
C LEU A 52 -2.55 -7.30 5.51
N ASP A 53 -3.30 -6.85 4.49
CA ASP A 53 -4.60 -6.19 4.63
C ASP A 53 -4.40 -4.79 5.28
N GLY A 54 -5.46 -4.08 5.54
CA GLY A 54 -5.35 -2.75 6.05
C GLY A 54 -5.20 -2.70 7.56
N THR A 55 -4.36 -3.57 8.10
CA THR A 55 -4.05 -3.54 9.50
C THR A 55 -3.20 -2.30 9.79
N LEU A 21 11.37 17.04 5.12
CA LEU A 21 10.22 16.12 5.03
C LEU A 21 8.93 16.93 5.02
N GLY A 22 8.61 17.50 6.16
CA GLY A 22 7.40 18.25 6.31
C GLY A 22 6.95 18.21 7.74
N LYS A 23 7.90 18.52 8.63
CA LYS A 23 7.68 18.48 10.09
C LYS A 23 7.41 17.05 10.57
N LYS A 24 7.13 16.87 11.84
CA LYS A 24 6.90 15.55 12.34
C LYS A 24 5.48 15.10 12.04
N ASP A 25 5.32 14.56 10.87
CA ASP A 25 4.04 14.08 10.37
C ASP A 25 4.34 13.12 9.26
N THR A 26 5.16 13.60 8.33
CA THR A 26 5.61 12.88 7.15
C THR A 26 6.24 11.52 7.53
N GLU A 27 6.83 11.48 8.73
CA GLU A 27 7.46 10.26 9.23
C GLU A 27 6.43 9.14 9.34
N THR A 28 5.28 9.48 9.89
CA THR A 28 4.20 8.55 10.09
C THR A 28 3.59 8.16 8.72
N VAL A 29 3.69 9.08 7.77
CA VAL A 29 3.19 8.87 6.43
C VAL A 29 3.96 7.77 5.73
N TYR A 30 5.28 7.87 5.72
CA TYR A 30 6.08 6.81 5.11
C TYR A 30 5.93 5.50 5.84
N SER A 31 5.62 5.59 7.11
CA SER A 31 5.39 4.40 7.91
C SER A 31 4.07 3.72 7.50
N GLU A 32 3.04 4.51 7.21
CA GLU A 32 1.78 3.94 6.76
C GLU A 32 1.89 3.48 5.31
N VAL A 33 2.79 4.10 4.56
CA VAL A 33 3.10 3.64 3.21
C VAL A 33 3.80 2.28 3.30
N ARG A 34 4.64 2.09 4.32
CA ARG A 34 5.28 0.83 4.57
C ARG A 34 4.26 -0.27 4.87
N LYS A 35 3.17 0.11 5.48
CA LYS A 35 2.07 -0.81 5.73
C LYS A 35 1.28 -1.02 4.43
N ALA A 36 1.30 -0.02 3.58
CA ALA A 36 0.63 -0.06 2.29
C ALA A 36 1.46 -0.82 1.25
N VAL A 37 2.66 -1.23 1.62
CA VAL A 37 3.51 -2.02 0.74
C VAL A 37 2.86 -3.41 0.44
N PRO A 38 2.43 -4.18 1.48
CA PRO A 38 1.64 -5.41 1.27
C PRO A 38 0.40 -5.14 0.37
N ASP A 39 -0.20 -3.97 0.56
CA ASP A 39 -1.35 -3.53 -0.26
C ASP A 39 -0.93 -3.45 -1.73
N ALA A 40 0.21 -2.84 -1.97
CA ALA A 40 0.74 -2.66 -3.31
C ALA A 40 1.10 -3.99 -3.95
N VAL A 41 1.80 -4.85 -3.20
CA VAL A 41 2.22 -6.13 -3.75
C VAL A 41 1.01 -6.99 -4.16
N GLU A 42 -0.01 -7.05 -3.31
CA GLU A 42 -1.22 -7.82 -3.60
C GLU A 42 -1.88 -7.28 -4.87
N SER A 43 -1.80 -5.96 -5.04
CA SER A 43 -2.36 -5.30 -6.20
C SER A 43 -1.59 -5.70 -7.48
N ARG A 44 -0.29 -5.93 -7.32
CA ARG A 44 0.56 -6.32 -8.44
C ARG A 44 0.17 -7.70 -8.96
N TYR A 45 -0.32 -8.56 -8.04
CA TYR A 45 -0.81 -9.90 -8.41
C TYR A 45 -2.07 -9.79 -9.29
N SER A 46 -1.85 -9.60 -10.56
CA SER A 46 -2.88 -9.42 -11.55
C SER A 46 -2.19 -9.13 -12.87
N ARG A 47 -1.52 -7.99 -12.91
CA ARG A 47 -0.83 -7.55 -14.10
C ARG A 47 0.50 -8.25 -14.22
N THR A 48 1.08 -8.54 -13.10
CA THR A 48 2.31 -9.24 -13.03
C THR A 48 2.19 -10.35 -12.01
N GLU A 49 3.16 -11.22 -11.97
CA GLU A 49 3.16 -12.26 -10.98
C GLU A 49 3.82 -11.74 -9.72
N GLY A 50 3.03 -11.07 -8.92
CA GLY A 50 3.55 -10.44 -7.74
C GLY A 50 4.38 -9.23 -8.10
N SER A 51 5.43 -9.00 -7.38
CA SER A 51 6.29 -7.87 -7.63
C SER A 51 7.71 -8.31 -7.99
N LEU A 52 7.93 -9.61 -7.97
CA LEU A 52 9.24 -10.13 -8.25
C LEU A 52 9.23 -11.01 -9.50
N ASP A 53 9.71 -10.46 -10.58
CA ASP A 53 9.89 -11.21 -11.82
C ASP A 53 11.35 -11.60 -11.94
N GLY A 54 12.17 -10.79 -11.32
CA GLY A 54 13.59 -10.97 -11.32
C GLY A 54 14.24 -9.67 -10.95
N THR A 55 15.48 -9.49 -11.37
CA THR A 55 16.25 -8.27 -11.11
C THR A 55 16.31 -7.92 -9.61
N LEU A 21 -6.90 11.82 10.45
CA LEU A 21 -6.68 10.59 11.21
C LEU A 21 -5.40 9.96 10.75
N GLY A 22 -4.74 9.23 11.65
CA GLY A 22 -3.52 8.51 11.30
C GLY A 22 -2.35 9.42 11.09
N LYS A 23 -2.16 9.80 9.85
CA LYS A 23 -1.04 10.62 9.45
C LYS A 23 -1.16 12.04 9.98
N LYS A 24 -0.03 12.61 10.26
CA LYS A 24 0.07 13.97 10.73
C LYS A 24 1.52 14.36 10.67
N ASP A 25 2.34 13.53 11.29
CA ASP A 25 3.76 13.72 11.30
C ASP A 25 4.40 12.88 10.20
N THR A 26 5.57 13.31 9.76
CA THR A 26 6.31 12.67 8.69
C THR A 26 6.57 11.17 8.94
N GLU A 27 6.85 10.80 10.19
CA GLU A 27 7.18 9.40 10.53
C GLU A 27 5.99 8.52 10.23
N THR A 28 4.82 8.99 10.59
CA THR A 28 3.60 8.26 10.40
C THR A 28 3.31 8.08 8.91
N VAL A 29 3.65 9.09 8.13
CA VAL A 29 3.45 9.08 6.70
C VAL A 29 4.26 7.97 6.03
N TYR A 30 5.54 7.93 6.32
CA TYR A 30 6.38 6.88 5.76
C TYR A 30 6.00 5.52 6.30
N SER A 31 5.45 5.49 7.50
CA SER A 31 4.99 4.26 8.08
C SER A 31 3.77 3.74 7.31
N GLU A 32 2.87 4.64 6.92
CA GLU A 32 1.73 4.24 6.14
C GLU A 32 2.09 3.99 4.70
N VAL A 33 3.13 4.63 4.21
CA VAL A 33 3.66 4.32 2.88
C VAL A 33 4.21 2.90 2.90
N ARG A 34 4.87 2.54 3.99
CA ARG A 34 5.34 1.19 4.19
C ARG A 34 4.19 0.19 4.24
N LYS A 35 3.03 0.67 4.67
CA LYS A 35 1.81 -0.14 4.68
C LYS A 35 1.22 -0.21 3.26
N ALA A 36 1.41 0.85 2.50
CA ALA A 36 0.90 0.97 1.14
C ALA A 36 1.69 0.09 0.18
N VAL A 37 2.93 -0.23 0.54
CA VAL A 37 3.80 -1.08 -0.27
C VAL A 37 3.20 -2.51 -0.45
N PRO A 38 2.94 -3.28 0.66
CA PRO A 38 2.36 -4.62 0.56
C PRO A 38 1.01 -4.61 -0.16
N ASP A 39 0.19 -3.59 0.10
CA ASP A 39 -1.12 -3.49 -0.56
C ASP A 39 -0.99 -3.42 -2.06
N ALA A 40 0.03 -2.73 -2.52
CA ALA A 40 0.27 -2.59 -3.94
C ALA A 40 0.78 -3.88 -4.54
N VAL A 41 1.60 -4.59 -3.80
CA VAL A 41 2.12 -5.84 -4.32
C VAL A 41 1.05 -6.96 -4.31
N GLU A 42 0.34 -7.09 -3.19
CA GLU A 42 -0.69 -8.13 -3.02
C GLU A 42 -1.75 -8.06 -4.11
N SER A 43 -2.08 -6.86 -4.51
CA SER A 43 -3.05 -6.63 -5.54
C SER A 43 -2.53 -7.06 -6.92
N ARG A 44 -1.22 -6.96 -7.14
CA ARG A 44 -0.60 -7.41 -8.39
C ARG A 44 -0.47 -8.90 -8.46
N TYR A 45 -0.49 -9.56 -7.33
CA TYR A 45 -0.55 -10.99 -7.34
C TYR A 45 -1.94 -11.39 -7.75
N SER A 46 -2.13 -11.65 -9.03
CA SER A 46 -3.44 -12.04 -9.58
C SER A 46 -4.04 -13.27 -8.89
N ARG A 47 -3.18 -14.07 -8.28
CA ARG A 47 -3.66 -15.16 -7.48
C ARG A 47 -3.79 -14.67 -6.06
N THR A 48 -4.85 -13.92 -5.81
CA THR A 48 -5.09 -13.37 -4.54
C THR A 48 -5.89 -14.34 -3.68
N GLU A 49 -7.10 -14.67 -4.16
CA GLU A 49 -8.02 -15.59 -3.46
C GLU A 49 -8.33 -15.09 -2.05
N GLY A 50 -8.28 -13.79 -1.88
CA GLY A 50 -8.48 -13.17 -0.61
C GLY A 50 -9.08 -11.81 -0.77
N SER A 51 -10.16 -11.74 -1.49
CA SER A 51 -10.83 -10.49 -1.72
C SER A 51 -11.63 -10.05 -0.50
N LEU A 52 -11.01 -9.20 0.29
CA LEU A 52 -11.60 -8.66 1.48
C LEU A 52 -10.96 -7.33 1.78
N ASP A 53 -11.72 -6.28 1.64
CA ASP A 53 -11.24 -4.93 1.90
C ASP A 53 -11.37 -4.58 3.38
N GLY A 54 -12.24 -5.29 4.04
CA GLY A 54 -12.47 -5.07 5.45
C GLY A 54 -13.93 -5.10 5.74
N THR A 55 -14.69 -4.59 4.83
CA THR A 55 -16.12 -4.58 4.87
C THR A 55 -16.60 -4.56 3.43
N LEU A 21 -1.63 13.74 10.72
CA LEU A 21 -2.43 14.20 11.86
C LEU A 21 -2.27 15.69 12.04
N GLY A 22 -1.04 16.17 11.94
CA GLY A 22 -0.78 17.58 12.05
C GLY A 22 0.43 18.01 11.25
N LYS A 23 0.18 18.83 10.22
CA LYS A 23 1.22 19.35 9.30
C LYS A 23 1.89 18.21 8.53
N LYS A 24 1.16 17.12 8.40
CA LYS A 24 1.64 15.89 7.77
C LYS A 24 2.79 15.30 8.53
N ASP A 25 2.48 14.39 9.40
CA ASP A 25 3.45 13.70 10.21
C ASP A 25 4.25 12.79 9.30
N THR A 26 5.41 13.26 8.89
CA THR A 26 6.23 12.60 7.89
C THR A 26 6.55 11.14 8.28
N GLU A 27 6.77 10.91 9.56
CA GLU A 27 7.08 9.58 10.03
C GLU A 27 5.88 8.66 9.86
N THR A 28 4.71 9.19 10.16
CA THR A 28 3.48 8.43 10.03
C THR A 28 3.17 8.20 8.54
N VAL A 29 3.51 9.18 7.72
CA VAL A 29 3.36 9.08 6.28
C VAL A 29 4.16 7.93 5.74
N TYR A 30 5.41 7.83 6.12
CA TYR A 30 6.19 6.72 5.68
C TYR A 30 5.78 5.42 6.32
N SER A 31 5.16 5.51 7.48
CA SER A 31 4.64 4.33 8.15
C SER A 31 3.40 3.80 7.40
N GLU A 32 2.53 4.71 6.93
CA GLU A 32 1.40 4.29 6.13
C GLU A 32 1.87 3.77 4.78
N VAL A 33 2.96 4.35 4.27
CA VAL A 33 3.60 3.87 3.05
C VAL A 33 4.14 2.46 3.27
N ARG A 34 4.69 2.20 4.45
CA ARG A 34 5.19 0.88 4.79
C ARG A 34 4.07 -0.16 4.79
N LYS A 35 2.85 0.27 5.10
CA LYS A 35 1.70 -0.60 5.00
C LYS A 35 1.29 -0.74 3.53
N ALA A 36 1.49 0.33 2.79
CA ALA A 36 1.14 0.39 1.38
C ALA A 36 2.08 -0.45 0.52
N VAL A 37 3.34 -0.58 0.95
CA VAL A 37 4.34 -1.37 0.23
C VAL A 37 3.83 -2.81 -0.11
N PRO A 38 3.49 -3.67 0.90
CA PRO A 38 2.99 -5.01 0.62
C PRO A 38 1.57 -4.98 0.06
N ASP A 39 0.87 -3.91 0.34
CA ASP A 39 -0.49 -3.73 -0.12
C ASP A 39 -0.51 -3.53 -1.62
N ALA A 40 0.44 -2.74 -2.09
CA ALA A 40 0.59 -2.43 -3.48
C ALA A 40 1.08 -3.64 -4.26
N VAL A 41 1.86 -4.49 -3.66
CA VAL A 41 2.26 -5.67 -4.38
C VAL A 41 1.09 -6.67 -4.47
N GLU A 42 0.39 -6.82 -3.35
CA GLU A 42 -0.74 -7.70 -3.21
C GLU A 42 -1.83 -7.41 -4.26
N SER A 43 -1.99 -6.14 -4.62
CA SER A 43 -2.98 -5.75 -5.61
C SER A 43 -2.61 -6.25 -7.01
N ARG A 44 -1.34 -6.41 -7.28
CA ARG A 44 -0.90 -6.94 -8.57
C ARG A 44 -0.98 -8.44 -8.66
N TYR A 45 -1.01 -9.12 -7.53
CA TYR A 45 -1.16 -10.58 -7.54
C TYR A 45 -2.52 -11.00 -8.03
N SER A 46 -2.63 -11.30 -9.33
CA SER A 46 -3.84 -11.82 -10.01
C SER A 46 -5.09 -10.93 -9.81
N ARG A 47 -4.87 -9.70 -9.46
CA ARG A 47 -5.94 -8.80 -9.17
C ARG A 47 -5.83 -7.58 -10.07
N THR A 48 -6.92 -6.87 -10.25
CA THR A 48 -6.93 -5.70 -11.03
C THR A 48 -6.27 -4.56 -10.23
N GLU A 49 -5.55 -3.74 -10.92
CA GLU A 49 -4.78 -2.70 -10.30
C GLU A 49 -5.66 -1.46 -10.04
N GLY A 50 -5.99 -0.74 -11.08
CA GLY A 50 -6.85 0.43 -10.96
C GLY A 50 -6.11 1.65 -10.42
N SER A 51 -5.56 1.53 -9.24
CA SER A 51 -4.85 2.59 -8.62
C SER A 51 -3.35 2.39 -8.86
N LEU A 52 -2.71 3.44 -9.32
CA LEU A 52 -1.31 3.38 -9.69
C LEU A 52 -0.41 3.58 -8.48
N ASP A 53 0.86 3.42 -8.69
CA ASP A 53 1.86 3.60 -7.64
C ASP A 53 2.28 5.05 -7.58
N GLY A 54 2.80 5.46 -6.47
CA GLY A 54 3.28 6.80 -6.33
C GLY A 54 2.22 7.74 -5.81
N THR A 55 2.60 8.99 -5.67
CA THR A 55 1.74 10.02 -5.20
C THR A 55 2.48 11.36 -5.32
N LEU A 21 7.66 15.81 18.08
CA LEU A 21 8.39 14.57 17.86
C LEU A 21 7.43 13.38 17.82
N GLY A 22 7.29 12.79 16.66
CA GLY A 22 6.43 11.66 16.51
C GLY A 22 5.40 11.86 15.43
N LYS A 23 4.21 12.23 15.82
CA LYS A 23 3.14 12.46 14.88
C LYS A 23 3.15 13.89 14.42
N LYS A 24 3.15 14.07 13.12
CA LYS A 24 3.17 15.37 12.50
C LYS A 24 2.77 15.18 11.04
N ASP A 25 3.62 14.50 10.27
CA ASP A 25 3.34 14.14 8.85
C ASP A 25 4.19 12.98 8.39
N THR A 26 5.43 13.30 8.01
CA THR A 26 6.35 12.40 7.31
C THR A 26 6.55 11.05 8.02
N GLU A 27 6.55 11.06 9.34
CA GLU A 27 6.81 9.84 10.07
C GLU A 27 5.68 8.87 9.94
N THR A 28 4.49 9.35 10.14
CA THR A 28 3.35 8.50 10.08
C THR A 28 3.03 8.12 8.64
N VAL A 29 3.14 9.10 7.75
CA VAL A 29 2.84 8.91 6.34
C VAL A 29 3.71 7.85 5.72
N TYR A 30 5.00 7.96 5.87
CA TYR A 30 5.85 6.97 5.29
C TYR A 30 5.77 5.64 5.98
N SER A 31 5.37 5.64 7.23
CA SER A 31 5.17 4.39 7.92
C SER A 31 3.90 3.69 7.40
N GLU A 32 2.87 4.47 7.08
CA GLU A 32 1.67 3.89 6.50
C GLU A 32 1.92 3.49 5.05
N VAL A 33 2.82 4.21 4.39
CA VAL A 33 3.27 3.82 3.05
C VAL A 33 4.01 2.49 3.13
N ARG A 34 4.75 2.27 4.22
CA ARG A 34 5.43 1.01 4.46
C ARG A 34 4.42 -0.13 4.63
N LYS A 35 3.26 0.19 5.17
CA LYS A 35 2.17 -0.77 5.29
C LYS A 35 1.52 -0.97 3.93
N ALA A 36 1.57 0.06 3.12
CA ALA A 36 1.02 0.04 1.79
C ALA A 36 2.00 -0.60 0.80
N VAL A 37 3.14 -1.07 1.30
CA VAL A 37 4.13 -1.78 0.48
C VAL A 37 3.64 -3.21 0.16
N PRO A 38 3.27 -4.04 1.18
CA PRO A 38 2.64 -5.33 0.90
C PRO A 38 1.31 -5.13 0.16
N ASP A 39 0.65 -4.01 0.43
CA ASP A 39 -0.58 -3.65 -0.30
C ASP A 39 -0.27 -3.49 -1.77
N ALA A 40 0.84 -2.83 -2.07
CA ALA A 40 1.27 -2.61 -3.44
C ALA A 40 1.47 -3.92 -4.17
N VAL A 41 2.11 -4.89 -3.52
CA VAL A 41 2.34 -6.17 -4.15
C VAL A 41 1.02 -6.94 -4.32
N GLU A 42 0.19 -6.93 -3.29
CA GLU A 42 -1.14 -7.57 -3.34
C GLU A 42 -2.01 -6.96 -4.44
N SER A 43 -1.79 -5.71 -4.72
CA SER A 43 -2.45 -4.99 -5.79
C SER A 43 -2.03 -5.55 -7.16
N ARG A 44 -0.83 -6.12 -7.21
CA ARG A 44 -0.31 -6.72 -8.43
C ARG A 44 -0.92 -8.10 -8.64
N TYR A 45 -1.25 -8.77 -7.54
CA TYR A 45 -1.89 -10.09 -7.59
C TYR A 45 -3.29 -9.98 -8.17
N SER A 46 -3.39 -10.11 -9.48
CA SER A 46 -4.65 -10.06 -10.22
C SER A 46 -5.29 -8.67 -10.15
N ARG A 47 -5.22 -7.97 -11.24
CA ARG A 47 -5.82 -6.68 -11.35
C ARG A 47 -6.62 -6.59 -12.61
N THR A 48 -7.90 -6.71 -12.47
CA THR A 48 -8.78 -6.57 -13.58
C THR A 48 -9.10 -5.10 -13.80
N GLU A 49 -10.08 -4.61 -13.07
CA GLU A 49 -10.48 -3.22 -13.10
C GLU A 49 -11.03 -2.80 -11.75
N GLY A 50 -11.54 -1.59 -11.69
CA GLY A 50 -12.09 -1.08 -10.47
C GLY A 50 -12.82 0.19 -10.74
N SER A 51 -12.50 1.22 -10.00
CA SER A 51 -13.12 2.50 -10.17
C SER A 51 -12.17 3.41 -10.99
N LEU A 52 -10.99 2.91 -11.26
CA LEU A 52 -10.00 3.63 -12.02
C LEU A 52 -10.06 3.15 -13.47
N ASP A 53 -10.51 4.04 -14.34
CA ASP A 53 -10.63 3.74 -15.77
C ASP A 53 -9.27 3.80 -16.41
N GLY A 54 -8.58 4.90 -16.17
CA GLY A 54 -7.28 5.08 -16.72
C GLY A 54 -6.86 6.53 -16.63
N THR A 55 -6.12 6.85 -15.61
CA THR A 55 -5.60 8.17 -15.41
C THR A 55 -4.33 8.08 -14.54
N LEU A 21 4.43 12.53 19.03
CA LEU A 21 4.90 13.71 18.31
C LEU A 21 4.58 13.57 16.84
N GLY A 22 3.75 14.44 16.36
CA GLY A 22 3.40 14.41 14.97
C GLY A 22 1.93 14.60 14.78
N LYS A 23 1.57 15.36 13.80
CA LYS A 23 0.16 15.57 13.48
C LYS A 23 -0.21 14.46 12.55
N LYS A 24 0.58 14.38 11.52
CA LYS A 24 0.59 13.37 10.52
C LYS A 24 1.74 13.74 9.63
N ASP A 25 2.91 13.44 10.12
CA ASP A 25 4.11 13.92 9.51
C ASP A 25 4.88 12.83 8.83
N THR A 26 6.14 13.11 8.50
CA THR A 26 6.98 12.25 7.69
C THR A 26 7.04 10.80 8.23
N GLU A 27 7.16 10.67 9.53
CA GLU A 27 7.25 9.35 10.14
C GLU A 27 5.96 8.60 9.96
N THR A 28 4.87 9.31 10.15
CA THR A 28 3.56 8.75 10.03
C THR A 28 3.26 8.34 8.59
N VAL A 29 3.55 9.25 7.68
CA VAL A 29 3.30 9.06 6.26
C VAL A 29 4.06 7.87 5.74
N TYR A 30 5.33 7.83 6.01
CA TYR A 30 6.12 6.75 5.52
C TYR A 30 5.80 5.44 6.23
N SER A 31 5.25 5.54 7.42
CA SER A 31 4.79 4.36 8.12
C SER A 31 3.51 3.82 7.43
N GLU A 32 2.62 4.73 7.03
CA GLU A 32 1.43 4.33 6.32
C GLU A 32 1.73 3.90 4.89
N VAL A 33 2.81 4.42 4.33
CA VAL A 33 3.31 3.95 3.05
C VAL A 33 3.81 2.51 3.20
N ARG A 34 4.39 2.22 4.36
CA ARG A 34 4.82 0.87 4.69
C ARG A 34 3.64 -0.08 4.79
N LYS A 35 2.50 0.45 5.14
CA LYS A 35 1.27 -0.33 5.15
C LYS A 35 0.77 -0.53 3.71
N ALA A 36 1.10 0.43 2.87
CA ALA A 36 0.67 0.45 1.48
C ALA A 36 1.54 -0.46 0.59
N VAL A 37 2.86 -0.41 0.75
CA VAL A 37 3.82 -1.18 -0.09
C VAL A 37 3.45 -2.68 -0.28
N PRO A 38 3.34 -3.49 0.82
CA PRO A 38 3.01 -4.92 0.68
C PRO A 38 1.60 -5.11 0.12
N ASP A 39 0.74 -4.14 0.35
CA ASP A 39 -0.62 -4.20 -0.15
C ASP A 39 -0.64 -3.92 -1.64
N ALA A 40 0.18 -2.97 -2.04
CA ALA A 40 0.32 -2.58 -3.42
C ALA A 40 0.90 -3.72 -4.24
N VAL A 41 1.83 -4.45 -3.66
CA VAL A 41 2.40 -5.57 -4.36
C VAL A 41 1.41 -6.75 -4.42
N GLU A 42 0.75 -7.06 -3.31
CA GLU A 42 -0.15 -8.20 -3.28
C GLU A 42 -1.36 -7.99 -4.22
N SER A 43 -1.81 -6.74 -4.32
CA SER A 43 -2.90 -6.38 -5.22
C SER A 43 -2.45 -6.45 -6.67
N ARG A 44 -1.17 -6.23 -6.88
CA ARG A 44 -0.56 -6.30 -8.20
C ARG A 44 -0.66 -7.74 -8.72
N TYR A 45 -0.64 -8.69 -7.80
CA TYR A 45 -0.76 -10.10 -8.16
C TYR A 45 -2.23 -10.50 -8.29
N SER A 46 -3.11 -9.62 -7.91
CA SER A 46 -4.52 -9.90 -7.96
C SER A 46 -5.05 -9.77 -9.38
N ARG A 47 -5.28 -10.91 -10.01
CA ARG A 47 -5.82 -10.92 -11.34
C ARG A 47 -7.33 -10.89 -11.23
N THR A 48 -7.98 -10.33 -12.25
CA THR A 48 -9.44 -10.17 -12.31
C THR A 48 -9.98 -9.30 -11.16
N GLU A 49 -11.29 -9.06 -11.17
CA GLU A 49 -11.96 -8.21 -10.18
C GLU A 49 -11.60 -6.74 -10.37
N GLY A 50 -12.35 -5.88 -9.71
CA GLY A 50 -12.17 -4.46 -9.89
C GLY A 50 -12.64 -4.03 -11.26
N SER A 51 -13.50 -4.86 -11.84
CA SER A 51 -14.00 -4.67 -13.17
C SER A 51 -15.07 -3.59 -13.22
N LEU A 52 -15.82 -3.48 -12.15
CA LEU A 52 -16.88 -2.50 -12.08
C LEU A 52 -16.76 -1.79 -10.75
N ASP A 53 -16.46 -0.53 -10.80
CA ASP A 53 -16.31 0.28 -9.61
C ASP A 53 -17.62 0.96 -9.27
N GLY A 54 -18.11 0.68 -8.09
CA GLY A 54 -19.38 1.23 -7.66
C GLY A 54 -20.52 0.34 -8.10
N THR A 55 -21.66 0.93 -8.36
CA THR A 55 -22.85 0.24 -8.84
C THR A 55 -23.80 1.28 -9.42
N LEU A 21 -5.18 13.08 13.11
CA LEU A 21 -6.02 14.28 13.01
C LEU A 21 -5.35 15.40 12.22
N GLY A 22 -4.41 16.10 12.82
CA GLY A 22 -3.87 17.25 12.15
C GLY A 22 -2.37 17.41 12.23
N LYS A 23 -1.65 16.32 12.29
CA LYS A 23 -0.20 16.43 12.26
C LYS A 23 0.26 16.23 10.82
N LYS A 24 1.53 16.34 10.57
CA LYS A 24 2.03 16.13 9.23
C LYS A 24 2.81 14.82 9.27
N ASP A 25 3.94 14.85 9.97
CA ASP A 25 4.79 13.67 10.27
C ASP A 25 5.17 12.81 9.09
N THR A 26 6.34 13.10 8.55
CA THR A 26 6.93 12.33 7.48
C THR A 26 7.10 10.86 7.92
N GLU A 27 7.40 10.67 9.20
CA GLU A 27 7.54 9.35 9.78
C GLU A 27 6.24 8.58 9.70
N THR A 28 5.15 9.24 10.04
CA THR A 28 3.85 8.62 10.00
C THR A 28 3.46 8.31 8.55
N VAL A 29 3.85 9.19 7.64
CA VAL A 29 3.61 9.00 6.22
C VAL A 29 4.31 7.75 5.73
N TYR A 30 5.58 7.63 6.00
CA TYR A 30 6.29 6.43 5.60
C TYR A 30 5.82 5.19 6.33
N SER A 31 5.26 5.37 7.50
CA SER A 31 4.70 4.25 8.23
C SER A 31 3.41 3.78 7.54
N GLU A 32 2.60 4.72 7.04
CA GLU A 32 1.42 4.35 6.31
C GLU A 32 1.77 3.84 4.92
N VAL A 33 2.87 4.34 4.37
CA VAL A 33 3.40 3.82 3.11
C VAL A 33 3.83 2.37 3.31
N ARG A 34 4.37 2.08 4.48
CA ARG A 34 4.71 0.73 4.86
C ARG A 34 3.48 -0.17 4.98
N LYS A 35 2.34 0.43 5.25
CA LYS A 35 1.07 -0.30 5.23
C LYS A 35 0.62 -0.50 3.78
N ALA A 36 0.76 0.56 2.99
CA ALA A 36 0.33 0.62 1.60
C ALA A 36 1.14 -0.29 0.67
N VAL A 37 2.47 -0.15 0.70
CA VAL A 37 3.39 -0.92 -0.21
C VAL A 37 3.06 -2.42 -0.32
N PRO A 38 3.06 -3.21 0.79
CA PRO A 38 2.77 -4.64 0.72
C PRO A 38 1.34 -4.93 0.26
N ASP A 39 0.42 -4.03 0.57
CA ASP A 39 -0.98 -4.18 0.18
C ASP A 39 -1.14 -3.87 -1.31
N ALA A 40 -0.39 -2.90 -1.76
CA ALA A 40 -0.39 -2.51 -3.14
C ALA A 40 0.22 -3.59 -3.99
N VAL A 41 1.39 -4.07 -3.58
CA VAL A 41 2.10 -5.07 -4.35
C VAL A 41 1.31 -6.39 -4.46
N GLU A 42 0.67 -6.80 -3.37
CA GLU A 42 -0.10 -8.04 -3.33
C GLU A 42 -1.27 -7.98 -4.31
N SER A 43 -1.77 -6.78 -4.55
CA SER A 43 -2.83 -6.54 -5.47
C SER A 43 -2.34 -6.70 -6.92
N ARG A 44 -1.05 -6.44 -7.15
CA ARG A 44 -0.45 -6.58 -8.49
C ARG A 44 -0.09 -8.01 -8.84
N TYR A 45 0.23 -8.83 -7.83
CA TYR A 45 0.51 -10.24 -8.08
C TYR A 45 -0.75 -10.94 -8.52
N SER A 46 -1.83 -10.56 -7.90
CA SER A 46 -3.08 -11.23 -8.09
C SER A 46 -3.99 -10.46 -9.05
N ARG A 47 -4.92 -11.18 -9.68
CA ARG A 47 -5.95 -10.64 -10.57
C ARG A 47 -5.37 -10.00 -11.83
N THR A 48 -5.57 -10.64 -12.95
CA THR A 48 -5.19 -10.06 -14.19
C THR A 48 -6.27 -9.10 -14.65
N GLU A 49 -5.89 -7.85 -14.87
CA GLU A 49 -6.81 -6.78 -15.23
C GLU A 49 -7.57 -7.11 -16.51
N GLY A 50 -8.78 -7.57 -16.34
CA GLY A 50 -9.61 -7.97 -17.44
C GLY A 50 -10.51 -9.12 -17.04
N SER A 51 -10.03 -9.94 -16.14
CA SER A 51 -10.78 -11.08 -15.66
C SER A 51 -10.77 -11.05 -14.13
N LEU A 52 -11.65 -11.80 -13.51
CA LEU A 52 -11.76 -11.79 -12.06
C LEU A 52 -11.31 -13.10 -11.45
N ASP A 53 -10.14 -13.09 -10.90
CA ASP A 53 -9.57 -14.20 -10.15
C ASP A 53 -8.44 -13.68 -9.32
N GLY A 54 -8.62 -13.64 -8.05
CA GLY A 54 -7.65 -13.08 -7.17
C GLY A 54 -8.20 -11.84 -6.52
N THR A 55 -9.42 -11.94 -6.08
CA THR A 55 -10.13 -10.87 -5.46
C THR A 55 -11.11 -11.47 -4.44
N LEU A 21 -1.56 6.93 9.47
CA LEU A 21 -2.84 7.05 8.80
C LEU A 21 -3.25 8.50 8.79
N GLY A 22 -3.14 9.12 7.64
CA GLY A 22 -3.52 10.50 7.51
C GLY A 22 -2.51 11.27 6.71
N LYS A 23 -1.26 10.77 6.69
CA LYS A 23 -0.16 11.40 5.97
C LYS A 23 0.08 12.85 6.41
N LYS A 24 -0.23 13.16 7.66
CA LYS A 24 -0.06 14.51 8.20
C LYS A 24 1.42 14.85 8.40
N ASP A 25 2.22 13.83 8.52
CA ASP A 25 3.65 13.99 8.74
C ASP A 25 4.39 13.00 7.88
N THR A 26 5.50 13.44 7.30
CA THR A 26 6.29 12.64 6.37
C THR A 26 6.79 11.31 7.00
N GLU A 27 7.13 11.33 8.28
CA GLU A 27 7.61 10.11 8.93
C GLU A 27 6.46 9.13 9.02
N THR A 28 5.30 9.67 9.31
CA THR A 28 4.11 8.88 9.40
C THR A 28 3.70 8.38 8.01
N VAL A 29 3.88 9.20 6.99
CA VAL A 29 3.54 8.85 5.61
C VAL A 29 4.22 7.59 5.17
N TYR A 30 5.52 7.56 5.31
CA TYR A 30 6.24 6.41 4.85
C TYR A 30 6.00 5.21 5.72
N SER A 31 5.67 5.44 6.97
CA SER A 31 5.32 4.38 7.87
C SER A 31 3.93 3.81 7.53
N GLU A 32 2.99 4.67 7.15
CA GLU A 32 1.69 4.20 6.75
C GLU A 32 1.74 3.57 5.36
N VAL A 33 2.72 3.99 4.57
CA VAL A 33 3.00 3.33 3.31
C VAL A 33 3.55 1.93 3.59
N ARG A 34 4.34 1.79 4.66
CA ARG A 34 4.84 0.48 5.09
C ARG A 34 3.67 -0.44 5.41
N LYS A 35 2.62 0.11 5.98
CA LYS A 35 1.41 -0.63 6.27
C LYS A 35 0.72 -1.02 4.95
N ALA A 36 0.82 -0.14 3.98
CA ALA A 36 0.20 -0.33 2.69
C ALA A 36 0.95 -1.35 1.83
N VAL A 37 2.29 -1.39 1.97
CA VAL A 37 3.19 -2.24 1.16
C VAL A 37 2.64 -3.65 0.79
N PRO A 38 2.31 -4.55 1.77
CA PRO A 38 1.83 -5.91 1.44
C PRO A 38 0.50 -5.90 0.65
N ASP A 39 -0.40 -5.01 1.00
CA ASP A 39 -1.68 -4.92 0.30
C ASP A 39 -1.50 -4.27 -1.05
N ALA A 40 -0.53 -3.39 -1.13
CA ALA A 40 -0.22 -2.70 -2.35
C ALA A 40 0.46 -3.65 -3.33
N VAL A 41 1.45 -4.38 -2.85
CA VAL A 41 2.20 -5.31 -3.69
C VAL A 41 1.29 -6.38 -4.29
N GLU A 42 0.38 -6.92 -3.47
CA GLU A 42 -0.52 -7.96 -3.93
C GLU A 42 -1.42 -7.46 -5.06
N SER A 43 -1.71 -6.18 -5.04
CA SER A 43 -2.50 -5.55 -6.07
C SER A 43 -1.71 -5.42 -7.37
N ARG A 44 -0.43 -5.07 -7.29
CA ARG A 44 0.36 -4.88 -8.49
C ARG A 44 0.76 -6.17 -9.17
N TYR A 45 0.74 -7.29 -8.44
CA TYR A 45 0.91 -8.58 -9.08
C TYR A 45 -0.23 -8.84 -10.05
N SER A 46 -1.38 -8.26 -9.74
CA SER A 46 -2.54 -8.36 -10.59
C SER A 46 -2.51 -7.21 -11.60
N ARG A 47 -1.58 -7.32 -12.55
CA ARG A 47 -1.32 -6.33 -13.59
C ARG A 47 -0.71 -5.05 -13.04
N THR A 48 0.56 -4.85 -13.35
CA THR A 48 1.24 -3.65 -12.99
C THR A 48 0.66 -2.47 -13.74
N GLU A 49 0.40 -1.42 -13.03
CA GLU A 49 -0.26 -0.26 -13.56
C GLU A 49 0.67 0.54 -14.46
N GLY A 50 0.11 1.08 -15.52
CA GLY A 50 0.88 1.87 -16.45
C GLY A 50 0.87 3.33 -16.08
N SER A 51 1.44 4.15 -16.96
CA SER A 51 1.55 5.59 -16.76
C SER A 51 2.44 5.94 -15.58
N LEU A 52 3.66 6.35 -15.88
CA LEU A 52 4.59 6.75 -14.85
C LEU A 52 4.06 7.95 -14.11
N ASP A 53 4.09 7.90 -12.80
CA ASP A 53 3.64 9.00 -11.95
C ASP A 53 4.45 10.24 -12.25
N GLY A 54 5.74 10.10 -12.21
CA GLY A 54 6.61 11.20 -12.48
C GLY A 54 7.81 11.16 -11.59
N THR A 55 8.80 10.43 -12.01
CA THR A 55 10.03 10.31 -11.28
C THR A 55 11.19 10.61 -12.22
N LEU A 21 -7.63 17.23 7.12
CA LEU A 21 -7.05 16.00 7.66
C LEU A 21 -6.75 16.15 9.14
N GLY A 22 -6.03 17.18 9.47
CA GLY A 22 -5.66 17.44 10.81
C GLY A 22 -4.18 17.61 10.91
N LYS A 23 -3.58 16.82 11.73
CA LYS A 23 -2.16 16.89 11.94
C LYS A 23 -1.67 15.48 12.12
N LYS A 24 -1.22 14.89 11.05
CA LYS A 24 -0.69 13.56 11.10
C LYS A 24 0.79 13.61 10.88
N ASP A 25 1.52 12.95 11.75
CA ASP A 25 2.98 12.90 11.71
C ASP A 25 3.49 12.39 10.35
N THR A 26 4.47 13.08 9.81
CA THR A 26 5.02 12.78 8.50
C THR A 26 5.78 11.45 8.47
N GLU A 27 6.41 11.09 9.58
CA GLU A 27 7.12 9.83 9.65
C GLU A 27 6.11 8.69 9.61
N THR A 28 4.94 8.97 10.19
CA THR A 28 3.82 8.06 10.17
C THR A 28 3.31 7.88 8.72
N VAL A 29 3.43 8.93 7.93
CA VAL A 29 3.06 8.89 6.53
C VAL A 29 3.93 7.90 5.80
N TYR A 30 5.23 7.99 6.00
CA TYR A 30 6.13 7.03 5.39
C TYR A 30 5.93 5.65 5.96
N SER A 31 5.46 5.58 7.20
CA SER A 31 5.16 4.32 7.84
C SER A 31 3.91 3.69 7.20
N GLU A 32 2.94 4.52 6.81
CA GLU A 32 1.79 4.01 6.13
C GLU A 32 2.12 3.70 4.68
N VAL A 33 3.13 4.38 4.14
CA VAL A 33 3.66 4.03 2.82
C VAL A 33 4.30 2.64 2.91
N ARG A 34 4.90 2.34 4.06
CA ARG A 34 5.43 1.02 4.34
C ARG A 34 4.30 0.00 4.38
N LYS A 35 3.14 0.43 4.87
CA LYS A 35 1.93 -0.41 4.88
C LYS A 35 1.41 -0.58 3.46
N ALA A 36 1.68 0.41 2.63
CA ALA A 36 1.30 0.41 1.23
C ALA A 36 2.25 -0.49 0.41
N VAL A 37 3.36 -0.88 1.02
CA VAL A 37 4.33 -1.77 0.36
C VAL A 37 3.74 -3.18 0.12
N PRO A 38 3.23 -3.90 1.17
CA PRO A 38 2.53 -5.17 0.95
C PRO A 38 1.17 -4.94 0.26
N ASP A 39 0.69 -3.71 0.33
CA ASP A 39 -0.56 -3.35 -0.34
C ASP A 39 -0.35 -3.36 -1.84
N ALA A 40 0.83 -2.90 -2.25
CA ALA A 40 1.21 -2.88 -3.66
C ALA A 40 1.24 -4.29 -4.22
N VAL A 41 1.91 -5.20 -3.53
CA VAL A 41 1.97 -6.58 -4.01
C VAL A 41 0.59 -7.21 -4.05
N GLU A 42 -0.22 -6.92 -3.04
CA GLU A 42 -1.58 -7.36 -2.92
C GLU A 42 -2.36 -6.96 -4.18
N SER A 43 -2.12 -5.73 -4.64
CA SER A 43 -2.74 -5.21 -5.82
C SER A 43 -2.20 -5.95 -7.06
N ARG A 44 -0.91 -6.21 -7.05
CA ARG A 44 -0.22 -6.86 -8.17
C ARG A 44 -0.56 -8.34 -8.36
N TYR A 45 -1.08 -9.00 -7.32
CA TYR A 45 -1.61 -10.38 -7.47
C TYR A 45 -2.85 -10.38 -8.37
N SER A 46 -3.39 -9.22 -8.55
CA SER A 46 -4.54 -8.98 -9.35
C SER A 46 -4.13 -7.99 -10.45
N ARG A 47 -4.97 -7.78 -11.42
CA ARG A 47 -4.71 -6.75 -12.40
C ARG A 47 -5.63 -5.59 -12.12
N THR A 48 -6.81 -5.69 -12.63
CA THR A 48 -7.88 -4.77 -12.40
C THR A 48 -9.16 -5.49 -12.55
N GLU A 49 -9.55 -6.07 -11.48
CA GLU A 49 -10.70 -6.91 -11.45
C GLU A 49 -11.85 -6.22 -10.78
N GLY A 50 -12.99 -6.34 -11.38
CA GLY A 50 -14.18 -5.68 -10.91
C GLY A 50 -14.99 -5.19 -12.07
N SER A 51 -14.31 -4.95 -13.16
CA SER A 51 -14.93 -4.52 -14.37
C SER A 51 -15.12 -5.73 -15.28
N LEU A 52 -16.36 -6.07 -15.56
CA LEU A 52 -16.66 -7.22 -16.38
C LEU A 52 -17.24 -6.78 -17.71
N ASP A 53 -16.56 -7.11 -18.79
CA ASP A 53 -17.07 -6.83 -20.14
C ASP A 53 -18.30 -7.69 -20.36
N GLY A 54 -18.15 -8.94 -20.03
CA GLY A 54 -19.25 -9.85 -20.05
C GLY A 54 -19.73 -10.04 -18.63
N THR A 55 -20.76 -9.34 -18.27
CA THR A 55 -21.28 -9.37 -16.93
C THR A 55 -22.30 -10.51 -16.82
N LEU A 21 -3.13 17.45 5.75
CA LEU A 21 -4.38 16.83 6.21
C LEU A 21 -4.61 17.06 7.68
N GLY A 22 -3.80 16.43 8.50
CA GLY A 22 -3.94 16.59 9.92
C GLY A 22 -2.61 16.67 10.58
N LYS A 23 -2.53 16.23 11.80
CA LYS A 23 -1.30 16.27 12.52
C LYS A 23 -0.68 14.89 12.68
N LYS A 24 0.11 14.53 11.73
CA LYS A 24 0.90 13.32 11.78
C LYS A 24 2.30 13.71 11.40
N ASP A 25 3.27 13.03 11.93
CA ASP A 25 4.64 13.34 11.58
C ASP A 25 4.97 12.72 10.24
N THR A 26 5.88 13.32 9.52
CA THR A 26 6.30 12.88 8.20
C THR A 26 6.75 11.40 8.22
N GLU A 27 7.38 10.99 9.30
CA GLU A 27 7.86 9.62 9.42
C GLU A 27 6.67 8.68 9.52
N THR A 28 5.65 9.11 10.24
CA THR A 28 4.44 8.34 10.43
C THR A 28 3.75 8.12 9.08
N VAL A 29 3.74 9.15 8.28
CA VAL A 29 3.12 9.14 6.97
C VAL A 29 3.81 8.16 6.05
N TYR A 30 5.10 8.24 5.98
CA TYR A 30 5.82 7.30 5.16
C TYR A 30 5.77 5.91 5.71
N SER A 31 5.56 5.79 7.00
CA SER A 31 5.39 4.50 7.59
C SER A 31 4.04 3.89 7.18
N GLU A 32 2.99 4.71 7.07
CA GLU A 32 1.71 4.19 6.63
C GLU A 32 1.73 3.86 5.15
N VAL A 33 2.56 4.54 4.39
CA VAL A 33 2.78 4.20 2.99
C VAL A 33 3.52 2.86 2.90
N ARG A 34 4.43 2.63 3.84
CA ARG A 34 5.10 1.36 3.94
C ARG A 34 4.13 0.26 4.34
N LYS A 35 3.12 0.63 5.11
CA LYS A 35 2.03 -0.27 5.48
C LYS A 35 1.15 -0.56 4.25
N ALA A 36 1.13 0.39 3.33
CA ALA A 36 0.36 0.27 2.10
C ALA A 36 1.10 -0.60 1.07
N VAL A 37 2.38 -0.90 1.34
CA VAL A 37 3.21 -1.71 0.44
C VAL A 37 2.69 -3.17 0.26
N PRO A 38 2.36 -3.93 1.36
CA PRO A 38 1.80 -5.29 1.22
C PRO A 38 0.49 -5.29 0.41
N ASP A 39 -0.22 -4.18 0.42
CA ASP A 39 -1.42 -4.03 -0.39
C ASP A 39 -1.02 -3.83 -1.85
N ALA A 40 -0.01 -3.03 -2.07
CA ALA A 40 0.49 -2.75 -3.41
C ALA A 40 0.98 -4.04 -4.07
N VAL A 41 1.71 -4.86 -3.32
CA VAL A 41 2.22 -6.09 -3.87
C VAL A 41 1.10 -7.08 -4.19
N GLU A 42 0.10 -7.20 -3.30
CA GLU A 42 -0.99 -8.14 -3.52
C GLU A 42 -1.79 -7.77 -4.77
N SER A 43 -1.83 -6.47 -5.08
CA SER A 43 -2.49 -5.97 -6.27
C SER A 43 -1.69 -6.33 -7.53
N ARG A 44 -0.36 -6.45 -7.37
CA ARG A 44 0.51 -6.80 -8.49
C ARG A 44 0.25 -8.21 -8.95
N TYR A 45 -0.09 -9.08 -7.99
CA TYR A 45 -0.46 -10.44 -8.30
C TYR A 45 -1.83 -10.43 -8.97
N SER A 46 -1.82 -10.33 -10.26
CA SER A 46 -3.04 -10.29 -11.01
C SER A 46 -3.41 -11.68 -11.52
N ARG A 47 -4.20 -12.38 -10.74
CA ARG A 47 -4.66 -13.70 -11.12
C ARG A 47 -6.16 -13.69 -11.34
N THR A 48 -6.84 -12.87 -10.58
CA THR A 48 -8.28 -12.74 -10.67
C THR A 48 -8.70 -12.06 -11.95
N GLU A 49 -9.61 -12.70 -12.65
CA GLU A 49 -10.17 -12.22 -13.91
C GLU A 49 -9.12 -12.14 -15.00
N GLY A 50 -8.87 -13.26 -15.64
CA GLY A 50 -7.90 -13.32 -16.68
C GLY A 50 -8.38 -14.15 -17.83
N SER A 51 -8.59 -13.53 -18.95
CA SER A 51 -9.09 -14.19 -20.11
C SER A 51 -7.92 -14.81 -20.87
N LEU A 52 -7.98 -16.11 -21.07
CA LEU A 52 -6.94 -16.82 -21.76
C LEU A 52 -7.40 -17.15 -23.17
N ASP A 53 -8.59 -17.77 -23.25
CA ASP A 53 -9.23 -18.22 -24.50
C ASP A 53 -8.45 -19.34 -25.18
N GLY A 54 -8.98 -20.53 -25.05
CA GLY A 54 -8.37 -21.70 -25.62
C GLY A 54 -9.24 -22.91 -25.38
N THR A 55 -8.93 -23.64 -24.35
CA THR A 55 -9.67 -24.82 -23.99
C THR A 55 -10.08 -24.78 -22.53
N LEU A 21 0.64 16.84 20.70
CA LEU A 21 0.61 15.40 20.86
C LEU A 21 -0.24 14.80 19.75
N GLY A 22 0.27 13.76 19.14
CA GLY A 22 -0.40 13.16 18.03
C GLY A 22 0.35 13.48 16.77
N LYS A 23 1.27 12.61 16.42
CA LYS A 23 2.11 12.80 15.27
C LYS A 23 1.44 12.25 14.03
N LYS A 24 1.35 13.07 13.02
CA LYS A 24 0.73 12.70 11.76
C LYS A 24 1.60 13.18 10.61
N ASP A 25 2.87 13.46 10.91
CA ASP A 25 3.79 14.01 9.92
C ASP A 25 4.60 12.86 9.22
N THR A 26 5.80 13.18 8.76
CA THR A 26 6.62 12.37 7.86
C THR A 26 6.82 10.91 8.33
N GLU A 27 7.13 10.73 9.60
CA GLU A 27 7.39 9.40 10.14
C GLU A 27 6.15 8.54 10.10
N THR A 28 5.04 9.17 10.36
CA THR A 28 3.77 8.55 10.38
C THR A 28 3.29 8.24 8.95
N VAL A 29 3.55 9.16 8.05
CA VAL A 29 3.16 9.04 6.66
C VAL A 29 3.90 7.91 5.98
N TYR A 30 5.20 7.90 6.10
CA TYR A 30 5.95 6.83 5.51
C TYR A 30 5.68 5.51 6.18
N SER A 31 5.19 5.54 7.40
CA SER A 31 4.83 4.34 8.09
C SER A 31 3.56 3.75 7.45
N GLU A 32 2.60 4.62 7.08
CA GLU A 32 1.41 4.15 6.41
C GLU A 32 1.72 3.75 4.97
N VAL A 33 2.71 4.42 4.37
CA VAL A 33 3.18 4.07 3.03
C VAL A 33 3.87 2.70 3.07
N ARG A 34 4.55 2.41 4.16
CA ARG A 34 5.17 1.12 4.37
C ARG A 34 4.14 0.01 4.45
N LYS A 35 2.96 0.34 4.91
CA LYS A 35 1.85 -0.60 4.93
C LYS A 35 1.29 -0.72 3.49
N ALA A 36 1.32 0.40 2.77
CA ALA A 36 0.81 0.49 1.41
C ALA A 36 1.71 -0.26 0.41
N VAL A 37 2.98 -0.39 0.73
CA VAL A 37 3.92 -1.14 -0.11
C VAL A 37 3.46 -2.62 -0.33
N PRO A 38 3.24 -3.42 0.77
CA PRO A 38 2.68 -4.75 0.64
C PRO A 38 1.31 -4.72 -0.03
N ASP A 39 0.50 -3.71 0.27
CA ASP A 39 -0.84 -3.58 -0.34
C ASP A 39 -0.72 -3.51 -1.85
N ALA A 40 0.18 -2.69 -2.33
CA ALA A 40 0.44 -2.52 -3.75
C ALA A 40 0.89 -3.83 -4.39
N VAL A 41 1.80 -4.55 -3.73
CA VAL A 41 2.28 -5.80 -4.29
C VAL A 41 1.17 -6.86 -4.30
N GLU A 42 0.41 -6.93 -3.22
CA GLU A 42 -0.71 -7.85 -3.13
C GLU A 42 -1.70 -7.60 -4.27
N SER A 43 -1.85 -6.33 -4.61
CA SER A 43 -2.72 -5.89 -5.69
C SER A 43 -2.20 -6.40 -7.04
N ARG A 44 -0.89 -6.61 -7.15
CA ARG A 44 -0.28 -7.13 -8.37
C ARG A 44 -0.61 -8.61 -8.52
N TYR A 45 -0.62 -9.33 -7.39
CA TYR A 45 -0.97 -10.76 -7.39
C TYR A 45 -2.44 -10.95 -7.71
N SER A 46 -3.26 -10.00 -7.27
CA SER A 46 -4.66 -10.03 -7.53
C SER A 46 -4.90 -9.88 -9.03
N ARG A 47 -5.48 -10.91 -9.62
CA ARG A 47 -5.72 -10.94 -11.04
C ARG A 47 -6.81 -9.96 -11.43
N THR A 48 -6.40 -8.81 -11.92
CA THR A 48 -7.30 -7.79 -12.32
C THR A 48 -7.64 -7.94 -13.79
N GLU A 49 -8.72 -7.32 -14.24
CA GLU A 49 -9.12 -7.41 -15.64
C GLU A 49 -8.11 -6.66 -16.51
N GLY A 50 -7.47 -5.68 -15.90
CA GLY A 50 -6.45 -4.94 -16.57
C GLY A 50 -5.08 -5.45 -16.19
N SER A 51 -4.96 -6.76 -16.07
CA SER A 51 -3.70 -7.40 -15.77
C SER A 51 -2.71 -7.12 -16.90
N LEU A 52 -1.51 -6.68 -16.52
CA LEU A 52 -0.48 -6.24 -17.46
C LEU A 52 -1.03 -5.03 -18.22
N ASP A 53 -0.90 -3.91 -17.58
CA ASP A 53 -1.34 -2.64 -18.11
C ASP A 53 -0.18 -1.96 -18.77
N GLY A 54 -0.20 -1.92 -20.08
CA GLY A 54 0.91 -1.41 -20.81
C GLY A 54 1.96 -2.47 -20.89
N THR A 55 2.75 -2.56 -19.85
CA THR A 55 3.77 -3.55 -19.69
C THR A 55 4.49 -3.31 -18.35
N LEU A 21 -4.99 5.78 10.87
CA LEU A 21 -3.80 6.54 11.17
C LEU A 21 -3.92 7.90 10.54
N GLY A 22 -3.49 8.91 11.25
CA GLY A 22 -3.51 10.22 10.75
C GLY A 22 -2.13 10.72 10.64
N LYS A 23 -1.88 11.45 9.64
CA LYS A 23 -0.55 12.01 9.37
C LYS A 23 -0.24 13.17 10.31
N LYS A 24 0.69 12.97 11.22
CA LYS A 24 1.12 14.06 12.08
C LYS A 24 2.29 14.76 11.43
N ASP A 25 3.19 13.95 10.94
CA ASP A 25 4.40 14.40 10.30
C ASP A 25 4.71 13.46 9.13
N THR A 26 5.68 13.81 8.31
CA THR A 26 6.06 13.03 7.17
C THR A 26 6.51 11.60 7.56
N GLU A 27 7.06 11.45 8.76
CA GLU A 27 7.48 10.12 9.22
C GLU A 27 6.27 9.20 9.42
N THR A 28 5.11 9.80 9.72
CA THR A 28 3.89 9.05 9.88
C THR A 28 3.49 8.45 8.54
N VAL A 29 3.75 9.21 7.48
CA VAL A 29 3.45 8.82 6.12
C VAL A 29 4.19 7.57 5.74
N TYR A 30 5.47 7.53 6.05
CA TYR A 30 6.26 6.35 5.75
C TYR A 30 5.74 5.12 6.50
N SER A 31 5.12 5.35 7.63
CA SER A 31 4.58 4.26 8.42
C SER A 31 3.33 3.70 7.71
N GLU A 32 2.49 4.58 7.16
CA GLU A 32 1.35 4.12 6.39
C GLU A 32 1.79 3.55 5.05
N VAL A 33 2.88 4.10 4.50
CA VAL A 33 3.49 3.56 3.28
C VAL A 33 3.95 2.13 3.54
N ARG A 34 4.51 1.88 4.71
CA ARG A 34 4.94 0.55 5.11
C ARG A 34 3.79 -0.45 5.09
N LYS A 35 2.60 0.02 5.36
CA LYS A 35 1.42 -0.82 5.27
C LYS A 35 1.02 -0.99 3.81
N ALA A 36 1.19 0.08 3.06
CA ALA A 36 0.83 0.14 1.66
C ALA A 36 1.77 -0.68 0.77
N VAL A 37 3.01 -0.88 1.22
CA VAL A 37 4.00 -1.64 0.45
C VAL A 37 3.53 -3.10 0.14
N PRO A 38 3.25 -3.96 1.18
CA PRO A 38 2.76 -5.32 0.94
C PRO A 38 1.34 -5.32 0.38
N ASP A 39 0.65 -4.22 0.56
CA ASP A 39 -0.69 -4.04 0.07
C ASP A 39 -0.68 -3.82 -1.44
N ALA A 40 0.23 -2.97 -1.88
CA ALA A 40 0.39 -2.63 -3.28
C ALA A 40 0.87 -3.83 -4.08
N VAL A 41 1.75 -4.62 -3.50
CA VAL A 41 2.23 -5.79 -4.21
C VAL A 41 1.12 -6.81 -4.39
N GLU A 42 0.32 -7.01 -3.34
CA GLU A 42 -0.79 -7.90 -3.33
C GLU A 42 -1.78 -7.57 -4.45
N SER A 43 -2.07 -6.29 -4.60
CA SER A 43 -2.97 -5.83 -5.63
C SER A 43 -2.35 -5.92 -7.04
N ARG A 44 -1.02 -5.83 -7.12
CA ARG A 44 -0.31 -5.98 -8.39
C ARG A 44 -0.30 -7.39 -8.91
N TYR A 45 -0.53 -8.36 -8.02
CA TYR A 45 -0.66 -9.75 -8.43
C TYR A 45 -1.80 -9.88 -9.42
N SER A 46 -1.47 -10.00 -10.68
CA SER A 46 -2.44 -10.16 -11.73
C SER A 46 -3.26 -11.44 -11.50
N ARG A 47 -4.56 -11.23 -11.22
CA ARG A 47 -5.53 -12.28 -10.90
C ARG A 47 -5.19 -12.95 -9.56
N THR A 48 -5.61 -12.34 -8.49
CA THR A 48 -5.31 -12.83 -7.17
C THR A 48 -6.13 -14.06 -6.82
N GLU A 49 -5.44 -15.12 -6.57
CA GLU A 49 -6.06 -16.35 -6.20
C GLU A 49 -6.12 -16.41 -4.70
N GLY A 50 -7.30 -16.51 -4.16
CA GLY A 50 -7.45 -16.59 -2.72
C GLY A 50 -7.80 -15.26 -2.11
N SER A 51 -7.58 -14.22 -2.84
CA SER A 51 -7.89 -12.89 -2.37
C SER A 51 -9.18 -12.41 -3.03
N LEU A 52 -10.24 -12.32 -2.25
CA LEU A 52 -11.54 -11.88 -2.77
C LEU A 52 -11.98 -10.61 -2.08
N ASP A 53 -11.10 -10.09 -1.23
CA ASP A 53 -11.33 -8.92 -0.37
C ASP A 53 -12.50 -9.15 0.56
N GLY A 54 -12.20 -9.74 1.68
CA GLY A 54 -13.22 -10.06 2.62
C GLY A 54 -12.90 -9.53 3.98
N THR A 55 -13.50 -8.43 4.32
CA THR A 55 -13.31 -7.81 5.58
C THR A 55 -14.63 -7.15 6.01
N LEU A 21 10.19 6.94 15.60
CA LEU A 21 9.33 5.91 15.02
C LEU A 21 7.87 6.34 15.08
N GLY A 22 7.35 6.83 13.96
CA GLY A 22 5.96 7.25 13.86
C GLY A 22 5.55 8.27 14.91
N LYS A 23 6.39 9.24 15.15
CA LYS A 23 6.10 10.24 16.15
C LYS A 23 5.78 11.57 15.47
N LYS A 24 6.76 12.08 14.76
CA LYS A 24 6.61 13.35 14.10
C LYS A 24 6.16 13.23 12.65
N ASP A 25 4.86 13.46 12.47
CA ASP A 25 4.13 13.61 11.16
C ASP A 25 4.68 12.77 10.00
N THR A 26 5.78 13.24 9.42
CA THR A 26 6.43 12.65 8.26
C THR A 26 6.76 11.17 8.51
N GLU A 27 7.10 10.86 9.76
CA GLU A 27 7.43 9.48 10.14
C GLU A 27 6.24 8.58 9.92
N THR A 28 5.10 9.01 10.41
CA THR A 28 3.89 8.25 10.35
C THR A 28 3.44 8.11 8.90
N VAL A 29 3.71 9.14 8.10
CA VAL A 29 3.40 9.13 6.69
C VAL A 29 4.16 8.03 5.97
N TYR A 30 5.45 7.95 6.20
CA TYR A 30 6.20 6.87 5.60
C TYR A 30 5.85 5.53 6.21
N SER A 31 5.34 5.54 7.42
CA SER A 31 4.90 4.31 8.05
C SER A 31 3.62 3.79 7.38
N GLU A 32 2.68 4.71 7.08
CA GLU A 32 1.48 4.33 6.37
C GLU A 32 1.79 3.90 4.94
N VAL A 33 2.76 4.58 4.31
CA VAL A 33 3.23 4.20 2.98
C VAL A 33 3.88 2.82 3.02
N ARG A 34 4.61 2.54 4.09
CA ARG A 34 5.21 1.25 4.27
C ARG A 34 4.19 0.14 4.41
N LYS A 35 3.04 0.43 4.96
CA LYS A 35 1.97 -0.56 4.99
C LYS A 35 1.30 -0.64 3.63
N ALA A 36 1.33 0.47 2.89
CA ALA A 36 0.70 0.59 1.58
C ALA A 36 1.49 -0.17 0.51
N VAL A 37 2.78 -0.34 0.72
CA VAL A 37 3.62 -1.11 -0.20
C VAL A 37 3.11 -2.57 -0.36
N PRO A 38 2.93 -3.35 0.77
CA PRO A 38 2.30 -4.67 0.72
C PRO A 38 0.96 -4.66 -0.04
N ASP A 39 0.17 -3.61 0.16
CA ASP A 39 -1.13 -3.51 -0.54
C ASP A 39 -0.92 -3.45 -2.05
N ALA A 40 0.12 -2.74 -2.44
CA ALA A 40 0.45 -2.59 -3.84
C ALA A 40 0.96 -3.91 -4.43
N VAL A 41 1.76 -4.65 -3.67
CA VAL A 41 2.27 -5.91 -4.19
C VAL A 41 1.16 -6.98 -4.28
N GLU A 42 0.35 -7.07 -3.22
CA GLU A 42 -0.76 -8.01 -3.16
C GLU A 42 -1.77 -7.80 -4.27
N SER A 43 -2.01 -6.57 -4.63
CA SER A 43 -2.90 -6.26 -5.71
C SER A 43 -2.33 -6.69 -7.08
N ARG A 44 -1.00 -6.74 -7.19
CA ARG A 44 -0.35 -7.19 -8.43
C ARG A 44 -0.48 -8.68 -8.59
N TYR A 45 -0.47 -9.40 -7.45
CA TYR A 45 -0.57 -10.86 -7.45
C TYR A 45 -1.74 -11.40 -8.24
N SER A 46 -1.40 -12.07 -9.33
CA SER A 46 -2.33 -12.80 -10.16
C SER A 46 -3.29 -11.89 -10.91
N ARG A 47 -3.03 -11.71 -12.17
CA ARG A 47 -3.88 -10.95 -13.01
C ARG A 47 -3.85 -11.58 -14.39
N THR A 48 -4.93 -12.22 -14.74
CA THR A 48 -5.03 -12.95 -15.97
C THR A 48 -5.54 -12.06 -17.11
N GLU A 49 -5.68 -12.67 -18.29
CA GLU A 49 -6.17 -12.02 -19.53
C GLU A 49 -5.15 -11.05 -20.13
N GLY A 50 -4.64 -10.17 -19.31
CA GLY A 50 -3.64 -9.25 -19.76
C GLY A 50 -2.29 -9.93 -19.83
N SER A 51 -1.40 -9.38 -20.61
CA SER A 51 -0.10 -9.92 -20.79
C SER A 51 0.76 -9.67 -19.54
N LEU A 52 1.43 -10.71 -19.07
CA LEU A 52 2.21 -10.62 -17.86
C LEU A 52 3.49 -9.83 -18.12
N ASP A 53 3.44 -8.60 -17.71
CA ASP A 53 4.55 -7.66 -17.78
C ASP A 53 4.15 -6.44 -16.99
N GLY A 54 2.97 -5.92 -17.33
CA GLY A 54 2.35 -4.84 -16.59
C GLY A 54 3.22 -3.61 -16.47
N THR A 55 3.86 -3.25 -17.54
CA THR A 55 4.69 -2.09 -17.55
C THR A 55 4.24 -1.17 -18.69
N LEU A 21 -3.42 9.25 11.40
CA LEU A 21 -2.54 10.41 11.29
C LEU A 21 -2.90 11.39 12.41
N GLY A 22 -2.00 11.56 13.35
CA GLY A 22 -2.25 12.50 14.42
C GLY A 22 -1.56 13.79 14.13
N LYS A 23 -0.27 13.71 14.02
CA LYS A 23 0.55 14.84 13.66
C LYS A 23 0.91 14.63 12.22
N LYS A 24 1.18 15.68 11.50
CA LYS A 24 1.63 15.51 10.16
C LYS A 24 3.13 15.33 10.21
N ASP A 25 3.53 14.14 10.50
CA ASP A 25 4.91 13.79 10.61
C ASP A 25 5.28 12.77 9.56
N THR A 26 6.48 12.93 9.04
CA THR A 26 7.01 12.12 7.96
C THR A 26 7.05 10.62 8.34
N GLU A 27 7.21 10.36 9.63
CA GLU A 27 7.35 9.01 10.11
C GLU A 27 6.05 8.24 9.97
N THR A 28 4.96 8.84 10.42
CA THR A 28 3.65 8.22 10.31
C THR A 28 3.26 8.04 8.86
N VAL A 29 3.58 9.03 8.05
CA VAL A 29 3.31 8.99 6.62
C VAL A 29 4.03 7.83 5.98
N TYR A 30 5.29 7.68 6.26
CA TYR A 30 6.00 6.57 5.72
C TYR A 30 5.63 5.26 6.35
N SER A 31 5.06 5.30 7.53
CA SER A 31 4.56 4.10 8.15
C SER A 31 3.31 3.61 7.38
N GLU A 32 2.48 4.57 6.95
CA GLU A 32 1.33 4.23 6.15
C GLU A 32 1.72 3.88 4.73
N VAL A 33 2.82 4.48 4.23
CA VAL A 33 3.36 4.10 2.94
C VAL A 33 3.90 2.67 3.02
N ARG A 34 4.47 2.32 4.16
CA ARG A 34 4.92 0.97 4.43
C ARG A 34 3.76 -0.01 4.48
N LYS A 35 2.59 0.47 4.79
CA LYS A 35 1.39 -0.34 4.67
C LYS A 35 0.99 -0.42 3.19
N ALA A 36 1.00 0.74 2.54
CA ALA A 36 0.59 0.92 1.16
C ALA A 36 1.45 0.15 0.15
N VAL A 37 2.77 0.13 0.34
CA VAL A 37 3.68 -0.56 -0.57
C VAL A 37 3.36 -2.07 -0.73
N PRO A 38 3.39 -2.89 0.38
CA PRO A 38 2.99 -4.30 0.32
C PRO A 38 1.56 -4.44 -0.18
N ASP A 39 0.69 -3.52 0.22
CA ASP A 39 -0.70 -3.52 -0.24
C ASP A 39 -0.78 -3.47 -1.76
N ALA A 40 0.00 -2.56 -2.33
CA ALA A 40 0.05 -2.38 -3.78
C ALA A 40 0.59 -3.63 -4.46
N VAL A 41 1.66 -4.18 -3.92
CA VAL A 41 2.27 -5.36 -4.53
C VAL A 41 1.36 -6.60 -4.38
N GLU A 42 0.76 -6.79 -3.21
CA GLU A 42 -0.16 -7.91 -2.99
C GLU A 42 -1.40 -7.77 -3.86
N SER A 43 -1.72 -6.55 -4.26
CA SER A 43 -2.80 -6.31 -5.20
C SER A 43 -2.42 -6.79 -6.61
N ARG A 44 -1.12 -6.79 -6.87
CA ARG A 44 -0.58 -7.27 -8.14
C ARG A 44 -0.57 -8.78 -8.16
N TYR A 45 -0.42 -9.36 -6.96
CA TYR A 45 -0.44 -10.80 -6.78
C TYR A 45 -1.64 -11.45 -7.41
N SER A 46 -1.39 -12.07 -8.50
CA SER A 46 -2.38 -12.83 -9.22
C SER A 46 -2.32 -14.27 -8.68
N ARG A 47 -1.97 -14.38 -7.40
CA ARG A 47 -1.74 -15.64 -6.75
C ARG A 47 -2.62 -15.75 -5.52
N THR A 48 -2.53 -16.86 -4.88
CA THR A 48 -3.18 -17.11 -3.63
C THR A 48 -2.22 -16.76 -2.50
N GLU A 49 -2.67 -16.74 -1.28
CA GLU A 49 -1.78 -16.44 -0.18
C GLU A 49 -1.14 -17.71 0.30
N GLY A 50 -1.93 -18.76 0.35
CA GLY A 50 -1.42 -20.03 0.84
C GLY A 50 -1.62 -20.16 2.32
N SER A 51 -1.11 -19.17 3.06
CA SER A 51 -1.23 -19.14 4.50
C SER A 51 -2.72 -19.13 4.91
N LEU A 52 -3.38 -18.01 4.73
CA LEU A 52 -4.82 -17.90 4.97
C LEU A 52 -5.41 -17.17 3.79
N ASP A 53 -6.09 -17.89 2.92
CA ASP A 53 -6.65 -17.27 1.73
C ASP A 53 -7.83 -16.39 1.98
N GLY A 54 -7.56 -15.11 1.97
CA GLY A 54 -8.57 -14.09 2.15
C GLY A 54 -8.17 -12.85 1.38
N THR A 55 -7.36 -13.05 0.38
CA THR A 55 -6.85 -12.01 -0.46
C THR A 55 -6.78 -12.57 -1.89
N LEU A 21 -6.05 12.34 15.90
CA LEU A 21 -4.77 11.99 15.28
C LEU A 21 -4.92 11.75 13.79
N GLY A 22 -4.39 12.68 13.01
CA GLY A 22 -4.34 12.50 11.60
C GLY A 22 -3.01 11.88 11.25
N LYS A 23 -2.04 12.71 11.00
CA LYS A 23 -0.69 12.26 10.76
C LYS A 23 0.23 13.11 11.61
N LYS A 24 1.01 12.47 12.46
CA LYS A 24 1.82 13.19 13.42
C LYS A 24 3.09 13.73 12.78
N ASP A 25 3.79 12.90 12.06
CA ASP A 25 5.02 13.30 11.40
C ASP A 25 5.03 12.81 10.00
N THR A 26 6.08 13.17 9.28
CA THR A 26 6.29 12.69 7.94
C THR A 26 6.60 11.18 8.03
N GLU A 27 7.16 10.79 9.18
CA GLU A 27 7.42 9.40 9.50
C GLU A 27 6.12 8.59 9.48
N THR A 28 5.02 9.23 9.89
CA THR A 28 3.70 8.61 9.89
C THR A 28 3.30 8.31 8.43
N VAL A 29 3.71 9.20 7.55
CA VAL A 29 3.43 9.08 6.13
C VAL A 29 4.22 7.92 5.54
N TYR A 30 5.45 7.78 5.93
CA TYR A 30 6.23 6.67 5.46
C TYR A 30 5.79 5.39 6.13
N SER A 31 5.20 5.52 7.30
CA SER A 31 4.69 4.38 8.01
C SER A 31 3.47 3.85 7.26
N GLU A 32 2.56 4.76 6.86
CA GLU A 32 1.43 4.35 6.05
C GLU A 32 1.87 3.82 4.71
N VAL A 33 2.97 4.35 4.18
CA VAL A 33 3.56 3.81 2.95
C VAL A 33 4.04 2.40 3.18
N ARG A 34 4.70 2.17 4.30
CA ARG A 34 5.15 0.84 4.68
C ARG A 34 3.99 -0.13 4.81
N LYS A 35 2.85 0.36 5.22
CA LYS A 35 1.64 -0.46 5.31
C LYS A 35 1.05 -0.66 3.90
N ALA A 36 1.19 0.35 3.07
CA ALA A 36 0.67 0.35 1.71
C ALA A 36 1.47 -0.57 0.78
N VAL A 37 2.79 -0.63 0.99
CA VAL A 37 3.69 -1.46 0.18
C VAL A 37 3.19 -2.93 0.00
N PRO A 38 3.01 -3.72 1.11
CA PRO A 38 2.54 -5.10 1.00
C PRO A 38 1.11 -5.17 0.43
N ASP A 39 0.30 -4.17 0.75
CA ASP A 39 -1.06 -4.13 0.27
C ASP A 39 -1.07 -3.96 -1.25
N ALA A 40 -0.26 -3.03 -1.70
CA ALA A 40 -0.13 -2.72 -3.10
C ALA A 40 0.43 -3.89 -3.88
N VAL A 41 1.52 -4.49 -3.38
CA VAL A 41 2.15 -5.62 -4.09
C VAL A 41 1.18 -6.78 -4.29
N GLU A 42 0.42 -7.10 -3.25
CA GLU A 42 -0.58 -8.16 -3.32
C GLU A 42 -1.59 -7.88 -4.43
N SER A 43 -1.97 -6.62 -4.57
CA SER A 43 -2.89 -6.21 -5.59
C SER A 43 -2.19 -6.25 -6.98
N ARG A 44 -0.87 -6.02 -6.98
CA ARG A 44 -0.07 -6.05 -8.21
C ARG A 44 0.04 -7.46 -8.77
N TYR A 45 -0.16 -8.46 -7.92
CA TYR A 45 -0.18 -9.83 -8.38
C TYR A 45 -1.46 -10.14 -9.15
N SER A 46 -1.47 -9.74 -10.38
CA SER A 46 -2.55 -10.01 -11.30
C SER A 46 -1.91 -10.38 -12.64
N ARG A 47 -0.63 -10.68 -12.54
CA ARG A 47 0.21 -11.00 -13.66
C ARG A 47 1.45 -11.67 -13.10
N THR A 48 2.41 -11.97 -13.93
CA THR A 48 3.62 -12.55 -13.48
C THR A 48 4.47 -11.46 -12.83
N GLU A 49 5.26 -11.82 -11.86
CA GLU A 49 6.10 -10.84 -11.23
C GLU A 49 7.38 -10.67 -12.04
N GLY A 50 7.40 -9.64 -12.82
CA GLY A 50 8.54 -9.34 -13.62
C GLY A 50 8.55 -7.89 -14.02
N SER A 51 7.85 -7.09 -13.26
CA SER A 51 7.79 -5.70 -13.53
C SER A 51 8.94 -5.00 -12.85
N LEU A 52 9.55 -4.11 -13.56
CA LEU A 52 10.60 -3.33 -13.01
C LEU A 52 9.97 -2.19 -12.23
N ASP A 53 10.00 -2.30 -10.94
CA ASP A 53 9.45 -1.26 -10.12
C ASP A 53 10.57 -0.38 -9.67
N GLY A 54 10.85 0.58 -10.48
CA GLY A 54 11.89 1.51 -10.23
C GLY A 54 11.57 2.82 -10.86
N THR A 55 10.62 3.47 -10.30
CA THR A 55 10.16 4.73 -10.78
C THR A 55 10.70 5.83 -9.86
N LEU A 21 -3.20 7.63 14.06
CA LEU A 21 -2.58 7.86 15.39
C LEU A 21 -2.94 9.24 15.92
N GLY A 22 -3.18 10.18 15.02
CA GLY A 22 -3.51 11.52 15.44
C GLY A 22 -2.38 12.47 15.15
N LYS A 23 -1.18 11.95 15.20
CA LYS A 23 -0.02 12.73 14.84
C LYS A 23 0.31 12.48 13.40
N LYS A 24 0.11 13.47 12.60
CA LYS A 24 0.41 13.38 11.22
C LYS A 24 1.83 13.91 11.04
N ASP A 25 2.78 13.01 10.91
CA ASP A 25 4.17 13.43 10.77
C ASP A 25 4.82 12.64 9.68
N THR A 26 5.97 13.11 9.22
CA THR A 26 6.68 12.53 8.09
C THR A 26 7.01 11.03 8.29
N GLU A 27 7.41 10.65 9.48
CA GLU A 27 7.72 9.26 9.75
C GLU A 27 6.48 8.41 9.70
N THR A 28 5.40 8.94 10.23
CA THR A 28 4.14 8.24 10.20
C THR A 28 3.62 8.16 8.75
N VAL A 29 3.98 9.15 7.93
CA VAL A 29 3.63 9.15 6.51
C VAL A 29 4.28 7.98 5.83
N TYR A 30 5.58 7.84 6.00
CA TYR A 30 6.25 6.70 5.42
C TYR A 30 5.77 5.42 6.03
N SER A 31 5.37 5.48 7.29
CA SER A 31 4.83 4.32 7.95
C SER A 31 3.51 3.90 7.29
N GLU A 32 2.62 4.85 7.02
CA GLU A 32 1.37 4.52 6.36
C GLU A 32 1.61 4.08 4.91
N VAL A 33 2.69 4.57 4.32
CA VAL A 33 3.12 4.11 2.99
C VAL A 33 3.62 2.67 3.10
N ARG A 34 4.26 2.35 4.23
CA ARG A 34 4.73 1.01 4.49
C ARG A 34 3.58 0.03 4.59
N LYS A 35 2.41 0.50 5.00
CA LYS A 35 1.22 -0.35 4.96
C LYS A 35 0.68 -0.46 3.52
N ALA A 36 0.84 0.61 2.77
CA ALA A 36 0.36 0.69 1.39
C ALA A 36 1.18 -0.22 0.45
N VAL A 37 2.49 -0.27 0.68
CA VAL A 37 3.42 -1.07 -0.14
C VAL A 37 3.04 -2.59 -0.27
N PRO A 38 2.95 -3.38 0.85
CA PRO A 38 2.56 -4.81 0.79
C PRO A 38 1.17 -4.97 0.20
N ASP A 39 0.30 -4.06 0.56
CA ASP A 39 -1.08 -4.06 0.07
C ASP A 39 -1.10 -3.94 -1.44
N ALA A 40 -0.31 -3.01 -1.96
CA ALA A 40 -0.24 -2.77 -3.38
C ALA A 40 0.42 -3.91 -4.10
N VAL A 41 1.50 -4.45 -3.54
CA VAL A 41 2.22 -5.52 -4.19
C VAL A 41 1.35 -6.78 -4.32
N GLU A 42 0.64 -7.16 -3.25
CA GLU A 42 -0.26 -8.32 -3.30
C GLU A 42 -1.34 -8.14 -4.34
N SER A 43 -1.81 -6.91 -4.46
CA SER A 43 -2.82 -6.56 -5.44
C SER A 43 -2.23 -6.62 -6.87
N ARG A 44 -0.93 -6.39 -6.97
CA ARG A 44 -0.23 -6.43 -8.23
C ARG A 44 -0.09 -7.91 -8.65
N TYR A 45 0.26 -8.80 -7.70
CA TYR A 45 0.26 -10.25 -7.98
C TYR A 45 -1.11 -10.62 -8.47
N SER A 46 -2.10 -10.15 -7.71
CA SER A 46 -3.50 -10.31 -8.00
C SER A 46 -3.90 -11.77 -8.02
N ARG A 47 -4.44 -12.24 -6.93
CA ARG A 47 -4.92 -13.60 -6.86
C ARG A 47 -6.28 -13.68 -7.57
N THR A 48 -7.07 -14.71 -7.32
CA THR A 48 -8.29 -14.90 -8.08
C THR A 48 -9.26 -13.73 -8.02
N GLU A 49 -9.72 -13.39 -9.17
CA GLU A 49 -10.66 -12.30 -9.39
C GLU A 49 -12.06 -12.88 -9.52
N GLY A 50 -12.15 -14.18 -9.38
CA GLY A 50 -13.40 -14.87 -9.47
C GLY A 50 -13.19 -16.34 -9.27
N SER A 51 -13.55 -17.14 -10.27
CA SER A 51 -13.37 -18.60 -10.22
C SER A 51 -14.16 -19.17 -9.01
N LEU A 52 -13.82 -20.36 -8.59
CA LEU A 52 -14.46 -20.98 -7.44
C LEU A 52 -13.54 -20.91 -6.23
N ASP A 53 -12.48 -20.14 -6.36
CA ASP A 53 -11.51 -20.01 -5.28
C ASP A 53 -11.85 -18.76 -4.46
N GLY A 54 -11.55 -18.77 -3.18
CA GLY A 54 -12.00 -17.71 -2.31
C GLY A 54 -11.08 -16.51 -2.19
N THR A 55 -11.57 -15.38 -2.61
CA THR A 55 -10.90 -14.10 -2.48
C THR A 55 -11.93 -12.97 -2.57
N LEU A 21 -3.01 5.46 6.38
CA LEU A 21 -4.36 5.98 6.59
C LEU A 21 -4.32 6.81 7.84
N GLY A 22 -4.50 8.11 7.69
CA GLY A 22 -4.46 8.99 8.83
C GLY A 22 -3.05 9.46 9.07
N LYS A 23 -2.52 10.22 8.14
CA LYS A 23 -1.18 10.74 8.26
C LYS A 23 -1.19 12.05 9.02
N LYS A 24 -0.05 12.44 9.53
CA LYS A 24 0.05 13.65 10.30
C LYS A 24 1.50 14.13 10.33
N ASP A 25 2.35 13.32 10.90
CA ASP A 25 3.77 13.64 10.94
C ASP A 25 4.46 12.87 9.81
N THR A 26 5.65 13.29 9.42
CA THR A 26 6.40 12.65 8.36
C THR A 26 6.60 11.13 8.64
N GLU A 27 6.78 10.79 9.92
CA GLU A 27 6.97 9.40 10.33
C GLU A 27 5.70 8.62 10.09
N THR A 28 4.59 9.26 10.30
CA THR A 28 3.30 8.66 10.12
C THR A 28 3.11 8.32 8.64
N VAL A 29 3.55 9.23 7.79
CA VAL A 29 3.45 9.08 6.36
C VAL A 29 4.23 7.89 5.89
N TYR A 30 5.48 7.82 6.27
CA TYR A 30 6.29 6.70 5.87
C TYR A 30 5.82 5.40 6.48
N SER A 31 5.13 5.48 7.60
CA SER A 31 4.59 4.29 8.22
C SER A 31 3.42 3.76 7.36
N GLU A 32 2.58 4.68 6.87
CA GLU A 32 1.50 4.27 6.01
C GLU A 32 1.99 3.87 4.64
N VAL A 33 3.07 4.50 4.19
CA VAL A 33 3.70 4.10 2.94
C VAL A 33 4.27 2.70 3.08
N ARG A 34 4.79 2.38 4.26
CA ARG A 34 5.28 1.05 4.54
C ARG A 34 4.17 0.01 4.49
N LYS A 35 2.95 0.40 4.85
CA LYS A 35 1.81 -0.49 4.70
C LYS A 35 1.38 -0.57 3.24
N ALA A 36 1.61 0.52 2.52
CA ALA A 36 1.27 0.62 1.12
C ALA A 36 2.20 -0.23 0.27
N VAL A 37 3.40 -0.49 0.76
CA VAL A 37 4.38 -1.32 0.07
C VAL A 37 3.80 -2.74 -0.28
N PRO A 38 3.43 -3.57 0.75
CA PRO A 38 2.84 -4.88 0.48
C PRO A 38 1.43 -4.78 -0.10
N ASP A 39 0.70 -3.74 0.32
CA ASP A 39 -0.68 -3.51 -0.14
C ASP A 39 -0.75 -3.37 -1.65
N ALA A 40 0.23 -2.70 -2.19
CA ALA A 40 0.31 -2.50 -3.60
C ALA A 40 0.64 -3.80 -4.32
N VAL A 41 1.66 -4.51 -3.84
CA VAL A 41 2.11 -5.73 -4.50
C VAL A 41 1.05 -6.83 -4.47
N GLU A 42 0.41 -7.00 -3.32
CA GLU A 42 -0.63 -8.02 -3.15
C GLU A 42 -1.81 -7.78 -4.10
N SER A 43 -2.01 -6.51 -4.49
CA SER A 43 -3.07 -6.16 -5.41
C SER A 43 -2.72 -6.65 -6.82
N ARG A 44 -1.43 -6.60 -7.18
CA ARG A 44 -1.01 -7.07 -8.50
C ARG A 44 -0.93 -8.58 -8.61
N TYR A 45 -0.86 -9.28 -7.49
CA TYR A 45 -0.92 -10.73 -7.53
C TYR A 45 -2.30 -11.21 -7.88
N SER A 46 -2.50 -11.47 -9.14
CA SER A 46 -3.72 -12.01 -9.62
C SER A 46 -3.75 -13.51 -9.35
N ARG A 47 -4.46 -13.86 -8.31
CA ARG A 47 -4.56 -15.22 -7.88
C ARG A 47 -5.77 -15.88 -8.52
N THR A 48 -6.03 -17.12 -8.15
CA THR A 48 -7.11 -17.91 -8.69
C THR A 48 -8.44 -17.14 -8.59
N GLU A 49 -9.31 -17.38 -9.54
CA GLU A 49 -10.58 -16.68 -9.63
C GLU A 49 -11.45 -17.22 -8.51
N GLY A 50 -11.73 -16.42 -7.55
CA GLY A 50 -12.51 -16.87 -6.44
C GLY A 50 -13.53 -15.87 -6.04
N SER A 51 -13.57 -15.54 -4.79
CA SER A 51 -14.56 -14.62 -4.28
C SER A 51 -13.89 -13.55 -3.41
N LEU A 52 -12.59 -13.63 -3.24
CA LEU A 52 -11.87 -12.70 -2.40
C LEU A 52 -11.09 -11.74 -3.28
N ASP A 53 -11.31 -10.47 -3.09
CA ASP A 53 -10.61 -9.43 -3.80
C ASP A 53 -10.37 -8.29 -2.88
N GLY A 54 -9.16 -7.82 -2.81
CA GLY A 54 -8.88 -6.71 -1.97
C GLY A 54 -7.52 -6.83 -1.35
N THR A 55 -7.25 -5.89 -0.50
CA THR A 55 -6.01 -5.78 0.21
C THR A 55 -6.19 -4.78 1.35
#